data_3UD2
#
_entry.id   3UD2
#
_cell.length_a   279.480
_cell.length_b   40.873
_cell.length_c   95.249
_cell.angle_alpha   90.00
_cell.angle_beta   92.01
_cell.angle_gamma   90.00
#
_symmetry.space_group_name_H-M   'C 1 2 1'
#
loop_
_entity.id
_entity.type
_entity.pdbx_description
1 polymer Ankyrin-1
2 non-polymer 'SODIUM ION'
3 non-polymer ETHANOL
4 non-polymer 'CHLORIDE ION'
5 water water
#
_entity_poly.entity_id   1
_entity_poly.type   'polypeptide(L)'
_entity_poly.pdbx_seq_one_letter_code
;SNATGFLVSF(MSE)VDARGGS(MSE)RGSRHNGLRVVIPPRTCAAPTRITCRLVKPQKLSTPPPLAEEEGLASRIIALG
PTGAQFLSPVIVEIPHFASHGRGDRELVVLRSENGSVWKEHRSRYGESYLDQILNG(MSE)DEELGSLEELEKKRVCRII
TTDFPLYFVI(MSE)SRLCQDYDIIGPEGGSLKSKLVPLVQATFPENAVTKRVKLALQAQPVPDELVTKLLGNQATFSPI
VTVEPRRRKFHRPIGLRIPLPPSWTDNPRDSGEGDTTSLRLLCSVIGGTDQAQWEDITGTTKLVYANECANFTTNVSARF
WLSDCPRTAEAVNFATLLYKEL
;
_entity_poly.pdbx_strand_id   C,B,A
#
loop_
_chem_comp.id
_chem_comp.type
_chem_comp.name
_chem_comp.formula
CL non-polymer 'CHLORIDE ION' 'Cl -1'
EOH non-polymer ETHANOL 'C2 H6 O'
NA non-polymer 'SODIUM ION' 'Na 1'
#
# COMPACT_ATOMS: atom_id res chain seq x y z
N GLY A 5 15.72 -17.26 2.98
CA GLY A 5 15.46 -16.08 3.85
C GLY A 5 14.68 -14.95 3.19
N PHE A 6 14.74 -14.83 1.86
CA PHE A 6 14.09 -13.72 1.14
C PHE A 6 12.57 -13.74 1.23
N LEU A 7 11.99 -12.67 1.78
CA LEU A 7 10.55 -12.49 1.80
C LEU A 7 10.02 -12.03 0.43
N VAL A 8 10.87 -11.35 -0.32
CA VAL A 8 10.50 -10.90 -1.65
C VAL A 8 11.72 -11.10 -2.55
N SER A 9 11.49 -11.57 -3.77
CA SER A 9 12.57 -11.73 -4.73
C SER A 9 11.97 -11.74 -6.15
N PHE A 10 12.35 -10.75 -6.96
CA PHE A 10 11.80 -10.63 -8.30
C PHE A 10 12.67 -9.80 -9.23
N MSE A 11 12.54 -10.05 -10.52
CA MSE A 11 13.27 -9.35 -11.54
C MSE A 11 12.49 -8.15 -11.97
O MSE A 11 11.28 -8.23 -12.13
CB MSE A 11 13.46 -10.22 -12.79
CG MSE A 11 14.29 -11.47 -12.53
SE MSE A 11 16.16 -11.01 -12.12
CE MSE A 11 16.62 -9.90 -13.68
N VAL A 12 13.18 -7.04 -12.19
CA VAL A 12 12.55 -5.84 -12.72
C VAL A 12 13.51 -5.14 -13.67
N ASP A 13 12.95 -4.33 -14.58
CA ASP A 13 13.75 -3.63 -15.57
C ASP A 13 13.23 -2.21 -15.68
N ALA A 14 13.68 -1.49 -16.70
CA ALA A 14 13.24 -0.13 -16.96
C ALA A 14 11.72 0.06 -16.97
N ARG A 15 10.94 -0.97 -17.25
CA ARG A 15 9.48 -0.84 -17.25
C ARG A 15 8.87 -0.93 -15.83
N GLY A 16 9.68 -1.26 -14.83
CA GLY A 16 9.22 -1.27 -13.45
C GLY A 16 8.35 -2.47 -13.10
N GLY A 17 7.98 -2.55 -11.83
CA GLY A 17 7.21 -3.68 -11.32
C GLY A 17 7.16 -3.67 -9.81
N SER A 18 6.34 -4.52 -9.22
CA SER A 18 6.22 -4.55 -7.78
C SER A 18 5.97 -5.95 -7.25
N MSE A 19 6.15 -6.10 -5.95
CA MSE A 19 5.88 -7.38 -5.32
C MSE A 19 5.54 -7.21 -3.87
O MSE A 19 6.15 -6.42 -3.15
CB MSE A 19 7.17 -8.17 -5.45
CG MSE A 19 7.09 -9.52 -4.80
SE MSE A 19 5.82 -10.75 -5.72
CE MSE A 19 6.18 -10.45 -7.64
N ARG A 20 4.54 -7.98 -3.44
CA ARG A 20 4.19 -8.10 -2.04
C ARG A 20 4.79 -9.35 -1.43
N GLY A 21 5.09 -9.27 -0.13
CA GLY A 21 5.47 -10.44 0.62
C GLY A 21 4.22 -11.12 1.13
N SER A 22 4.42 -12.22 1.84
CA SER A 22 3.33 -12.90 2.50
C SER A 22 2.55 -11.92 3.34
N ARG A 23 1.25 -12.17 3.47
CA ARG A 23 0.39 -11.38 4.34
C ARG A 23 0.85 -11.41 5.81
N HIS A 24 1.71 -12.35 6.18
CA HIS A 24 2.27 -12.39 7.54
C HIS A 24 3.34 -11.35 7.75
N ASN A 25 4.05 -10.94 6.71
CA ASN A 25 5.08 -9.91 6.87
C ASN A 25 4.68 -8.54 6.31
N GLY A 26 3.75 -8.53 5.37
CA GLY A 26 3.21 -7.28 4.86
C GLY A 26 4.17 -6.37 4.09
N LEU A 27 5.34 -6.85 3.70
CA LEU A 27 6.25 -6.03 2.90
C LEU A 27 5.67 -5.76 1.52
N ARG A 28 5.96 -4.58 0.98
CA ARG A 28 5.66 -4.31 -0.41
C ARG A 28 6.77 -3.47 -1.00
N VAL A 29 7.32 -3.93 -2.12
CA VAL A 29 8.35 -3.19 -2.83
C VAL A 29 7.77 -2.79 -4.17
N VAL A 30 7.86 -1.50 -4.46
CA VAL A 30 7.32 -0.93 -5.67
C VAL A 30 8.46 -0.20 -6.37
N ILE A 31 8.86 -0.69 -7.54
CA ILE A 31 9.94 -0.11 -8.35
C ILE A 31 9.33 0.51 -9.61
N PRO A 32 9.13 1.84 -9.63
CA PRO A 32 8.42 2.46 -10.74
C PRO A 32 9.17 2.39 -12.09
N PRO A 33 8.46 2.61 -13.20
CA PRO A 33 9.15 2.73 -14.47
C PRO A 33 10.28 3.77 -14.41
N ARG A 34 11.32 3.51 -15.20
CA ARG A 34 12.46 4.41 -15.40
C ARG A 34 13.41 4.59 -14.21
N THR A 35 13.18 3.87 -13.11
CA THR A 35 14.05 3.99 -11.95
C THR A 35 15.23 3.03 -12.00
N CYS A 36 15.03 1.90 -12.69
CA CYS A 36 16.00 0.82 -12.76
C CYS A 36 16.38 0.62 -14.23
N ALA A 37 17.48 1.21 -14.66
CA ALA A 37 17.82 1.26 -16.09
C ALA A 37 18.18 -0.11 -16.69
N ALA A 38 18.78 -0.98 -15.87
CA ALA A 38 19.14 -2.34 -16.30
C ALA A 38 18.31 -3.38 -15.56
N PRO A 39 18.17 -4.59 -16.14
CA PRO A 39 17.45 -5.68 -15.44
C PRO A 39 18.12 -6.04 -14.10
N THR A 40 17.37 -6.06 -13.01
CA THR A 40 17.95 -6.25 -11.67
C THR A 40 17.07 -7.13 -10.79
N ARG A 41 17.69 -7.90 -9.89
CA ARG A 41 16.95 -8.78 -8.97
C ARG A 41 16.73 -8.10 -7.62
N ILE A 42 15.49 -7.68 -7.39
CA ILE A 42 15.13 -6.94 -6.17
C ILE A 42 14.73 -7.93 -5.10
N THR A 43 15.40 -7.87 -3.96
CA THR A 43 15.08 -8.73 -2.83
C THR A 43 14.89 -7.95 -1.53
N CYS A 44 14.31 -8.63 -0.54
CA CYS A 44 14.19 -8.10 0.80
C CYS A 44 14.17 -9.25 1.77
N ARG A 45 14.85 -9.07 2.90
CA ARG A 45 14.79 -10.03 4.00
C ARG A 45 14.71 -9.35 5.37
N LEU A 46 14.20 -10.07 6.37
CA LEU A 46 14.23 -9.63 7.76
C LEU A 46 15.58 -9.91 8.37
N VAL A 47 15.98 -9.08 9.33
CA VAL A 47 17.27 -9.21 10.00
C VAL A 47 17.04 -9.20 11.50
N LYS A 48 17.42 -10.30 12.14
CA LYS A 48 17.27 -10.42 13.58
C LYS A 48 18.17 -9.39 14.24
N PRO A 49 17.69 -8.71 15.29
CA PRO A 49 18.55 -7.71 15.93
C PRO A 49 19.72 -8.30 16.74
N GLN A 50 19.64 -9.58 17.12
CA GLN A 50 20.76 -10.26 17.79
C GLN A 50 21.99 -10.37 16.89
N LYS A 51 21.77 -10.50 15.58
CA LYS A 51 22.86 -10.61 14.61
C LYS A 51 23.58 -9.29 14.33
N LEU A 52 22.96 -8.16 14.68
CA LEU A 52 23.62 -6.86 14.60
C LEU A 52 24.64 -6.76 15.73
N SER A 53 25.88 -6.42 15.40
CA SER A 53 26.92 -6.20 16.42
C SER A 53 26.72 -4.87 17.13
N THR A 54 26.23 -3.88 16.39
CA THR A 54 25.86 -2.58 16.96
C THR A 54 24.42 -2.26 16.56
N PRO A 55 23.45 -2.67 17.41
CA PRO A 55 22.08 -2.37 17.08
C PRO A 55 21.79 -0.88 17.29
N PRO A 56 20.66 -0.39 16.78
CA PRO A 56 20.39 1.03 16.97
C PRO A 56 20.39 1.37 18.46
N PRO A 57 21.13 2.41 18.86
CA PRO A 57 21.09 2.80 20.26
C PRO A 57 19.74 3.43 20.58
N LEU A 58 19.29 3.29 21.82
CA LEU A 58 17.97 3.74 22.18
C LEU A 58 18.01 4.52 23.49
N ALA A 59 17.46 5.74 23.45
CA ALA A 59 17.20 6.51 24.68
C ALA A 59 16.04 5.89 25.44
N GLU A 60 15.80 6.39 26.64
CA GLU A 60 14.83 5.82 27.59
C GLU A 60 13.49 5.47 26.97
N GLU A 61 12.92 6.37 26.18
CA GLU A 61 11.59 6.16 25.62
C GLU A 61 11.63 5.99 24.11
N GLU A 62 12.67 5.31 23.63
CA GLU A 62 12.81 4.99 22.21
C GLU A 62 12.76 3.46 22.02
N GLY A 63 12.20 3.01 20.91
CA GLY A 63 12.18 1.59 20.58
C GLY A 63 12.03 1.35 19.10
N LEU A 64 12.34 0.15 18.67
CA LEU A 64 12.17 -0.24 17.26
C LEU A 64 10.69 -0.57 17.00
N ALA A 65 10.09 -0.01 15.96
CA ALA A 65 8.66 -0.24 15.75
C ALA A 65 8.38 -1.15 14.55
N SER A 66 9.42 -1.64 13.88
CA SER A 66 9.25 -2.58 12.78
C SER A 66 10.36 -3.57 12.79
N ARG A 67 10.27 -4.54 11.89
CA ARG A 67 11.40 -5.40 11.58
C ARG A 67 12.50 -4.59 10.91
N ILE A 68 13.75 -5.01 11.12
CA ILE A 68 14.89 -4.50 10.37
C ILE A 68 14.88 -5.21 9.02
N ILE A 69 14.96 -4.44 7.94
CA ILE A 69 14.93 -5.03 6.60
C ILE A 69 16.20 -4.75 5.82
N ALA A 70 16.68 -5.77 5.10
CA ALA A 70 17.83 -5.60 4.21
C ALA A 70 17.33 -5.74 2.80
N LEU A 71 17.41 -4.64 2.03
CA LEU A 71 16.95 -4.64 0.65
C LEU A 71 18.13 -4.92 -0.27
N GLY A 72 17.88 -5.73 -1.31
CA GLY A 72 18.95 -6.19 -2.20
C GLY A 72 18.64 -5.82 -3.64
N PRO A 73 19.69 -5.63 -4.46
CA PRO A 73 21.11 -5.66 -4.08
C PRO A 73 21.49 -4.46 -3.21
N THR A 74 22.23 -4.71 -2.12
CA THR A 74 22.75 -3.65 -1.27
C THR A 74 23.56 -2.64 -2.08
N GLY A 75 23.35 -1.36 -1.79
CA GLY A 75 24.02 -0.30 -2.54
C GLY A 75 23.37 0.07 -3.86
N ALA A 76 22.29 -0.62 -4.24
CA ALA A 76 21.56 -0.31 -5.48
C ALA A 76 21.18 1.16 -5.47
N GLN A 77 21.48 1.85 -6.57
CA GLN A 77 21.16 3.24 -6.77
C GLN A 77 20.07 3.26 -7.83
N PHE A 78 19.04 4.05 -7.60
CA PHE A 78 17.96 4.19 -8.57
C PHE A 78 17.96 5.60 -9.11
N LEU A 79 17.41 5.74 -10.31
CA LEU A 79 17.48 7.00 -11.07
C LEU A 79 16.45 8.03 -10.59
N SER A 80 15.38 7.53 -9.96
CA SER A 80 14.45 8.37 -9.21
C SER A 80 13.88 7.48 -8.09
N PRO A 81 13.12 8.06 -7.15
CA PRO A 81 12.77 7.22 -5.97
C PRO A 81 12.00 5.92 -6.22
N VAL A 82 12.25 4.92 -5.37
CA VAL A 82 11.40 3.72 -5.29
C VAL A 82 10.69 3.72 -3.93
N ILE A 83 9.72 2.81 -3.76
CA ILE A 83 8.85 2.79 -2.56
C ILE A 83 8.86 1.44 -1.84
N VAL A 84 9.07 1.45 -0.53
CA VAL A 84 8.95 0.25 0.27
C VAL A 84 7.94 0.50 1.37
N GLU A 85 6.93 -0.37 1.45
CA GLU A 85 5.96 -0.31 2.54
C GLU A 85 6.21 -1.44 3.51
N ILE A 86 6.17 -1.09 4.78
CA ILE A 86 6.53 -2.02 5.84
C ILE A 86 5.54 -1.82 6.97
N PRO A 87 4.93 -2.91 7.47
CA PRO A 87 4.10 -2.77 8.68
C PRO A 87 4.90 -2.33 9.89
N HIS A 88 4.27 -1.60 10.80
CA HIS A 88 4.86 -1.32 12.10
C HIS A 88 4.01 -1.84 13.24
N PHE A 89 4.65 -1.96 14.41
CA PHE A 89 4.03 -2.52 15.59
C PHE A 89 4.18 -1.57 16.78
N ALA A 90 4.12 -0.25 16.53
CA ALA A 90 4.21 0.76 17.60
C ALA A 90 3.03 0.63 18.56
N SER A 91 3.28 0.82 19.84
CA SER A 91 2.22 0.70 20.86
C SER A 91 1.52 2.03 21.18
N HIS A 92 1.51 2.98 20.23
CA HIS A 92 0.94 4.32 20.45
C HIS A 92 0.44 4.93 19.16
N GLY A 93 -0.31 6.02 19.31
CA GLY A 93 -0.77 6.85 18.19
C GLY A 93 0.15 8.03 18.02
N ARG A 94 -0.34 9.08 17.39
CA ARG A 94 0.52 10.22 17.06
C ARG A 94 0.40 11.41 18.00
N GLY A 95 0.86 11.27 19.24
CA GLY A 95 0.76 12.38 20.19
C GLY A 95 2.16 12.86 20.53
N ASP A 96 2.65 12.39 21.66
CA ASP A 96 3.97 12.75 22.13
C ASP A 96 5.09 11.99 21.42
N ARG A 97 4.74 10.93 20.71
CA ARG A 97 5.74 10.08 20.06
C ARG A 97 5.52 10.02 18.58
N GLU A 98 6.62 9.89 17.84
CA GLU A 98 6.59 9.86 16.40
C GLU A 98 7.33 8.60 15.90
N LEU A 99 7.05 8.23 14.66
CA LEU A 99 7.73 7.16 13.94
C LEU A 99 8.68 7.79 12.92
N VAL A 100 9.92 7.31 12.89
CA VAL A 100 10.91 7.82 11.97
C VAL A 100 11.63 6.67 11.27
N VAL A 101 11.99 6.88 10.01
CA VAL A 101 12.76 5.92 9.23
C VAL A 101 14.28 6.07 9.51
N LEU A 102 14.90 5.02 10.04
CA LEU A 102 16.37 4.99 10.23
C LEU A 102 17.03 4.10 9.19
N ARG A 103 18.29 4.37 8.89
CA ARG A 103 19.05 3.59 7.93
C ARG A 103 20.46 3.40 8.47
N SER A 104 21.09 2.28 8.09
CA SER A 104 22.48 2.05 8.42
C SER A 104 23.20 1.61 7.16
N GLU A 105 24.32 2.26 6.84
CA GLU A 105 25.02 1.93 5.60
C GLU A 105 25.75 0.60 5.70
N ASN A 106 26.37 0.32 6.85
CA ASN A 106 27.07 -0.94 7.06
C ASN A 106 26.82 -1.62 8.41
N GLY A 107 25.77 -1.20 9.11
CA GLY A 107 25.40 -1.84 10.37
C GLY A 107 26.01 -1.23 11.60
N SER A 108 26.86 -0.21 11.44
CA SER A 108 27.58 0.36 12.60
C SER A 108 27.00 1.67 13.12
N VAL A 109 26.55 2.52 12.21
CA VAL A 109 25.96 3.80 12.56
C VAL A 109 24.53 3.81 12.06
N TRP A 110 23.65 4.47 12.81
CA TRP A 110 22.22 4.59 12.47
C TRP A 110 21.90 6.03 12.40
N LYS A 111 21.28 6.43 11.28
CA LYS A 111 20.91 7.81 11.06
C LYS A 111 19.53 7.87 10.43
N GLU A 112 18.86 8.98 10.67
CA GLU A 112 17.57 9.26 10.06
C GLU A 112 17.66 9.28 8.51
N HIS A 113 16.71 8.61 7.85
CA HIS A 113 16.68 8.55 6.40
C HIS A 113 16.12 9.81 5.80
N ARG A 114 16.84 10.40 4.85
CA ARG A 114 16.41 11.61 4.16
C ARG A 114 15.78 11.29 2.82
N SER A 115 14.69 11.96 2.51
CA SER A 115 14.13 11.95 1.17
C SER A 115 13.75 13.38 0.80
N ARG A 116 14.30 13.84 -0.31
CA ARG A 116 14.09 15.20 -0.75
C ARG A 116 12.68 15.38 -1.30
N TYR A 117 12.17 14.38 -2.04
CA TYR A 117 10.80 14.39 -2.55
C TYR A 117 9.96 13.28 -1.94
N GLY A 118 9.07 13.66 -1.02
CA GLY A 118 8.32 12.68 -0.22
C GLY A 118 6.87 12.46 -0.66
N GLU A 119 5.99 12.36 0.32
CA GLU A 119 4.60 11.99 0.08
C GLU A 119 3.85 12.91 -0.88
N SER A 120 4.14 14.21 -0.82
CA SER A 120 3.56 15.23 -1.72
C SER A 120 3.72 14.91 -3.20
N TYR A 121 4.86 14.31 -3.53
CA TYR A 121 5.27 14.06 -4.89
C TYR A 121 4.95 12.64 -5.38
N LEU A 122 4.10 11.90 -4.69
CA LEU A 122 3.90 10.49 -5.01
C LEU A 122 3.46 10.25 -6.45
N ASP A 123 2.56 11.10 -6.95
CA ASP A 123 2.07 10.96 -8.32
C ASP A 123 3.17 11.15 -9.33
N GLN A 124 4.15 11.99 -9.02
CA GLN A 124 5.29 12.15 -9.93
C GLN A 124 6.24 10.95 -9.85
N ILE A 125 6.50 10.50 -8.61
CA ILE A 125 7.40 9.40 -8.32
C ILE A 125 6.97 8.11 -9.03
N LEU A 126 5.66 7.85 -9.14
CA LEU A 126 5.18 6.63 -9.83
C LEU A 126 5.50 6.59 -11.32
N ASN A 127 5.88 7.72 -11.90
CA ASN A 127 6.33 7.75 -13.29
C ASN A 127 5.34 7.03 -14.23
N GLY A 128 4.05 7.37 -14.09
CA GLY A 128 2.99 6.81 -14.94
C GLY A 128 2.65 5.34 -14.72
N MSE A 129 3.11 4.77 -13.60
CA MSE A 129 2.86 3.35 -13.31
C MSE A 129 1.40 3.05 -13.06
O MSE A 129 0.67 3.83 -12.44
CB MSE A 129 3.66 2.96 -12.07
CG MSE A 129 3.60 1.48 -11.69
SE MSE A 129 4.75 1.18 -10.12
CE MSE A 129 5.40 -0.54 -10.79
N ASP A 130 0.99 1.88 -13.55
CA ASP A 130 -0.35 1.36 -13.31
C ASP A 130 -0.37 0.52 -12.02
N GLU A 131 -0.12 1.18 -10.90
CA GLU A 131 -0.28 0.56 -9.58
C GLU A 131 -0.96 1.60 -8.75
N GLU A 132 -1.60 1.14 -7.68
CA GLU A 132 -2.15 2.04 -6.70
C GLU A 132 -1.24 2.09 -5.50
N LEU A 133 -1.16 3.27 -4.91
CA LEU A 133 -0.55 3.46 -3.61
C LEU A 133 -1.65 3.99 -2.71
N GLY A 134 -1.84 3.40 -1.54
CA GLY A 134 -2.78 3.96 -0.58
C GLY A 134 -2.38 5.35 -0.10
N SER A 135 -3.33 6.08 0.47
CA SER A 135 -3.04 7.38 1.08
C SER A 135 -2.39 7.21 2.45
N LEU A 136 -1.82 8.30 2.97
CA LEU A 136 -1.26 8.32 4.33
C LEU A 136 -2.30 7.86 5.34
N GLU A 137 -3.53 8.32 5.13
CA GLU A 137 -4.63 8.07 6.06
C GLU A 137 -4.92 6.57 6.08
N GLU A 138 -5.01 5.96 4.92
CA GLU A 138 -5.22 4.53 4.86
C GLU A 138 -4.01 3.77 5.44
N LEU A 139 -2.80 4.25 5.15
CA LEU A 139 -1.60 3.64 5.70
C LEU A 139 -1.58 3.72 7.23
N GLU A 140 -1.99 4.87 7.77
CA GLU A 140 -2.10 5.03 9.23
C GLU A 140 -3.04 4.00 9.89
N LYS A 141 -4.23 3.79 9.32
CA LYS A 141 -5.19 2.81 9.85
C LYS A 141 -4.69 1.38 9.76
N LYS A 142 -3.91 1.08 8.74
CA LYS A 142 -3.41 -0.29 8.55
C LYS A 142 -2.08 -0.49 9.24
N ARG A 143 -1.57 0.57 9.87
CA ARG A 143 -0.28 0.55 10.57
C ARG A 143 0.88 0.11 9.64
N VAL A 144 1.01 0.83 8.52
CA VAL A 144 2.03 0.61 7.54
C VAL A 144 2.78 1.92 7.34
N CYS A 145 4.11 1.85 7.36
CA CYS A 145 4.98 2.97 7.01
C CYS A 145 5.47 2.85 5.57
N ARG A 146 5.60 3.97 4.89
CA ARG A 146 6.06 3.98 3.50
C ARG A 146 7.43 4.63 3.44
N ILE A 147 8.41 3.93 2.89
CA ILE A 147 9.78 4.47 2.79
C ILE A 147 9.96 4.90 1.35
N ILE A 148 10.33 6.16 1.14
CA ILE A 148 10.65 6.67 -0.19
C ILE A 148 12.17 6.89 -0.21
N THR A 149 12.84 6.20 -1.14
CA THR A 149 14.31 6.21 -1.20
C THR A 149 14.82 6.09 -2.63
N THR A 150 16.02 6.64 -2.86
CA THR A 150 16.69 6.58 -4.16
C THR A 150 17.78 5.52 -4.14
N ASP A 151 17.90 4.79 -3.04
CA ASP A 151 18.95 3.81 -2.89
C ASP A 151 18.61 2.79 -1.80
N PHE A 152 19.30 1.66 -1.84
CA PHE A 152 19.18 0.64 -0.83
C PHE A 152 20.42 0.69 0.06
N PRO A 153 20.26 1.12 1.33
CA PRO A 153 21.32 0.93 2.32
C PRO A 153 21.31 -0.51 2.79
N LEU A 154 22.31 -0.92 3.58
CA LEU A 154 22.30 -2.26 4.17
C LEU A 154 21.00 -2.49 4.94
N TYR A 155 20.68 -1.61 5.89
CA TYR A 155 19.48 -1.78 6.73
C TYR A 155 18.56 -0.53 6.72
N PHE A 156 17.26 -0.78 6.83
CA PHE A 156 16.25 0.22 7.20
C PHE A 156 15.52 -0.34 8.39
N VAL A 157 15.07 0.53 9.28
CA VAL A 157 14.17 0.16 10.34
C VAL A 157 13.37 1.37 10.78
N ILE A 158 12.16 1.15 11.27
CA ILE A 158 11.31 2.21 11.81
C ILE A 158 11.53 2.33 13.32
N MSE A 159 11.67 3.56 13.81
CA MSE A 159 11.91 3.83 15.23
C MSE A 159 10.79 4.69 15.78
O MSE A 159 10.32 5.61 15.12
CB MSE A 159 13.28 4.51 15.46
CG MSE A 159 13.62 4.73 16.95
SE MSE A 159 15.09 6.01 17.27
CE MSE A 159 14.49 7.49 16.13
N SER A 160 10.38 4.37 17.01
CA SER A 160 9.49 5.19 17.80
C SER A 160 10.32 5.99 18.78
N ARG A 161 10.04 7.28 18.89
CA ARG A 161 10.72 8.17 19.83
C ARG A 161 9.82 9.32 20.20
N LEU A 162 10.22 10.06 21.24
CA LEU A 162 9.58 11.34 21.57
C LEU A 162 9.79 12.29 20.42
N CYS A 163 8.80 13.12 20.11
CA CYS A 163 8.96 14.10 19.02
C CYS A 163 10.19 14.98 19.23
N GLN A 164 11.02 15.07 18.21
CA GLN A 164 12.29 15.79 18.31
C GLN A 164 12.23 17.23 17.84
N ASP A 165 11.11 17.65 17.25
CA ASP A 165 11.03 19.00 16.70
C ASP A 165 10.92 20.06 17.81
N TYR A 166 11.57 21.19 17.58
CA TYR A 166 11.52 22.31 18.52
C TYR A 166 11.89 23.62 17.84
N ASP A 167 11.58 24.71 18.52
CA ASP A 167 12.05 26.05 18.14
C ASP A 167 12.62 26.73 19.37
N ILE A 168 13.54 27.68 19.18
CA ILE A 168 14.16 28.42 20.27
C ILE A 168 13.54 29.81 20.39
N ILE A 169 12.91 30.07 21.53
CA ILE A 169 12.38 31.40 21.88
C ILE A 169 13.16 31.90 23.08
N GLY A 170 13.47 33.19 23.10
CA GLY A 170 14.25 33.80 24.16
C GLY A 170 13.53 34.94 24.84
N PRO A 171 14.26 35.72 25.65
CA PRO A 171 13.61 36.85 26.30
C PRO A 171 13.15 37.93 25.32
N GLU A 172 13.68 37.97 24.09
CA GLU A 172 13.18 38.90 23.08
C GLU A 172 11.74 38.55 22.63
N GLY A 173 11.33 37.30 22.85
CA GLY A 173 9.98 36.85 22.52
C GLY A 173 9.93 36.28 21.11
N GLY A 174 8.73 35.94 20.67
CA GLY A 174 8.53 35.31 19.37
C GLY A 174 7.23 34.53 19.33
N SER A 175 7.01 33.80 18.24
CA SER A 175 5.84 32.94 18.13
C SER A 175 6.25 31.54 17.71
N LEU A 176 5.43 30.56 18.08
CA LEU A 176 5.55 29.18 17.60
C LEU A 176 4.30 28.82 16.82
N LYS A 177 4.45 27.99 15.79
CA LYS A 177 3.31 27.36 15.11
C LYS A 177 3.56 25.87 15.13
N SER A 178 2.58 25.09 14.71
CA SER A 178 2.75 23.64 14.71
C SER A 178 3.09 23.19 13.29
N LYS A 179 3.81 22.07 13.20
CA LYS A 179 4.12 21.41 11.94
C LYS A 179 2.83 20.96 11.23
N LEU A 180 2.02 20.18 11.93
CA LEU A 180 0.89 19.48 11.34
C LEU A 180 -0.36 20.35 11.14
N VAL A 181 -0.74 21.12 12.16
CA VAL A 181 -1.98 21.90 12.10
C VAL A 181 -1.67 23.39 11.99
N PRO A 182 -2.23 24.05 10.96
CA PRO A 182 -1.68 25.34 10.54
C PRO A 182 -2.10 26.57 11.37
N LEU A 183 -3.33 26.60 11.87
CA LEU A 183 -3.82 27.79 12.56
C LEU A 183 -3.40 27.81 14.03
N VAL A 184 -2.86 26.69 14.52
CA VAL A 184 -2.43 26.59 15.92
C VAL A 184 -1.15 27.41 16.11
N GLN A 185 -1.25 28.45 16.94
CA GLN A 185 -0.16 29.38 17.15
C GLN A 185 -0.03 29.70 18.64
N ALA A 186 1.20 29.91 19.11
CA ALA A 186 1.44 30.45 20.45
C ALA A 186 2.31 31.70 20.38
N THR A 187 1.93 32.74 21.11
CA THR A 187 2.61 34.03 21.07
C THR A 187 3.22 34.33 22.44
N PHE A 188 4.54 34.47 22.46
CA PHE A 188 5.29 34.71 23.68
C PHE A 188 5.71 36.17 23.76
N PRO A 189 5.11 36.93 24.69
CA PRO A 189 5.52 38.33 24.83
C PRO A 189 6.94 38.48 25.40
N GLU A 190 7.36 39.71 25.60
CA GLU A 190 8.79 40.01 25.71
C GLU A 190 9.54 39.35 26.85
N ASN A 191 8.97 39.24 28.04
CA ASN A 191 9.72 38.59 29.13
C ASN A 191 9.13 37.24 29.58
N ALA A 192 8.48 36.53 28.65
CA ALA A 192 7.89 35.23 28.97
C ALA A 192 8.92 34.28 29.58
N VAL A 193 10.08 34.17 28.94
CA VAL A 193 11.17 33.37 29.47
C VAL A 193 12.40 34.24 29.73
N THR A 194 13.16 33.89 30.76
CA THR A 194 14.34 34.66 31.14
C THR A 194 15.57 34.38 30.25
N LYS A 195 15.62 33.20 29.62
CA LYS A 195 16.74 32.82 28.73
C LYS A 195 16.27 32.01 27.50
N ARG A 196 17.21 31.70 26.62
CA ARG A 196 16.90 31.05 25.35
C ARG A 196 16.68 29.54 25.54
N VAL A 197 15.51 29.06 25.14
CA VAL A 197 15.05 27.72 25.51
C VAL A 197 14.32 26.99 24.39
N LYS A 198 14.39 25.66 24.41
CA LYS A 198 13.75 24.84 23.40
C LYS A 198 12.28 24.63 23.76
N LEU A 199 11.41 24.83 22.77
CA LEU A 199 9.97 24.72 22.94
C LEU A 199 9.35 23.98 21.75
N ALA A 200 8.23 23.33 21.97
CA ALA A 200 7.44 22.81 20.86
C ALA A 200 5.99 23.18 21.08
N LEU A 201 5.27 23.43 19.98
CA LEU A 201 3.83 23.57 20.02
C LEU A 201 3.28 22.41 19.22
N GLN A 202 2.73 21.44 19.95
CA GLN A 202 2.41 20.13 19.42
C GLN A 202 0.91 19.98 19.30
N ALA A 203 0.43 19.99 18.06
CA ALA A 203 -0.96 19.87 17.74
C ALA A 203 -1.21 18.47 17.22
N GLN A 204 -2.11 17.74 17.89
CA GLN A 204 -2.58 16.45 17.41
C GLN A 204 -4.02 16.57 16.87
N PRO A 205 -4.22 16.34 15.56
CA PRO A 205 -5.58 16.36 15.03
C PRO A 205 -6.41 15.23 15.60
N VAL A 206 -7.72 15.39 15.63
CA VAL A 206 -8.62 14.39 16.17
C VAL A 206 -9.57 13.98 15.05
N PRO A 207 -9.45 12.73 14.57
CA PRO A 207 -10.26 12.31 13.40
C PRO A 207 -11.73 12.17 13.75
N ASP A 208 -12.58 12.71 12.87
CA ASP A 208 -14.05 12.65 13.03
C ASP A 208 -14.56 11.22 13.20
N GLU A 209 -13.95 10.29 12.45
CA GLU A 209 -14.38 8.91 12.39
C GLU A 209 -14.23 8.23 13.75
N LEU A 210 -13.15 8.54 14.46
CA LEU A 210 -12.93 8.03 15.81
C LEU A 210 -13.86 8.69 16.83
N VAL A 211 -14.07 10.00 16.71
CA VAL A 211 -14.99 10.69 17.62
C VAL A 211 -16.42 10.15 17.44
N THR A 212 -16.81 9.96 16.18
CA THR A 212 -18.12 9.35 15.83
C THR A 212 -18.26 7.92 16.34
N LYS A 213 -17.22 7.11 16.18
CA LYS A 213 -17.24 5.73 16.66
C LYS A 213 -17.45 5.69 18.18
N LEU A 214 -16.68 6.47 18.93
CA LEU A 214 -16.70 6.38 20.41
C LEU A 214 -17.81 7.21 21.08
N LEU A 215 -18.12 8.37 20.52
CA LEU A 215 -19.03 9.31 21.18
C LEU A 215 -20.28 9.65 20.37
N GLY A 216 -20.35 9.19 19.12
CA GLY A 216 -21.48 9.54 18.25
C GLY A 216 -21.52 11.03 17.96
N ASN A 217 -22.70 11.63 18.07
CA ASN A 217 -22.88 13.07 17.83
C ASN A 217 -22.96 13.91 19.13
N GLN A 218 -22.51 13.34 20.24
CA GLN A 218 -22.58 14.02 21.53
C GLN A 218 -21.56 15.17 21.72
N ALA A 219 -20.52 15.19 20.91
CA ALA A 219 -19.52 16.25 20.99
C ALA A 219 -18.59 16.21 19.82
N THR A 220 -18.05 17.37 19.46
CA THR A 220 -16.90 17.43 18.57
C THR A 220 -15.76 18.09 19.32
N PHE A 221 -14.59 18.11 18.69
CA PHE A 221 -13.35 18.53 19.35
C PHE A 221 -12.40 19.25 18.40
N SER A 222 -11.61 20.16 18.99
CA SER A 222 -10.48 20.78 18.33
C SER A 222 -9.32 19.80 18.32
N PRO A 223 -8.24 20.17 17.65
CA PRO A 223 -7.04 19.41 17.90
C PRO A 223 -6.56 19.61 19.34
N ILE A 224 -5.79 18.65 19.85
CA ILE A 224 -5.15 18.80 21.15
C ILE A 224 -3.85 19.58 20.97
N VAL A 225 -3.65 20.59 21.79
CA VAL A 225 -2.48 21.46 21.65
C VAL A 225 -1.69 21.44 22.95
N THR A 226 -0.44 20.96 22.85
CA THR A 226 0.41 20.89 24.02
C THR A 226 1.59 21.85 23.89
N VAL A 227 1.79 22.67 24.91
CA VAL A 227 3.02 23.46 24.98
C VAL A 227 4.08 22.65 25.73
N GLU A 228 5.13 22.27 25.01
CA GLU A 228 6.18 21.42 25.57
C GLU A 228 7.45 22.23 25.79
N PRO A 229 8.23 21.89 26.82
CA PRO A 229 7.87 20.87 27.80
C PRO A 229 6.82 21.36 28.77
N ARG A 230 6.06 20.43 29.33
CA ARG A 230 5.12 20.76 30.38
C ARG A 230 5.84 20.96 31.70
N ARG A 231 5.11 21.44 32.71
CA ARG A 231 5.66 21.74 34.04
C ARG A 231 6.62 22.93 34.04
N ARG A 232 6.32 23.92 33.20
CA ARG A 232 7.07 25.18 33.20
C ARG A 232 6.12 26.33 33.41
N LYS A 233 6.54 27.30 34.21
CA LYS A 233 5.81 28.55 34.41
C LYS A 233 6.35 29.59 33.46
N PHE A 234 5.48 30.39 32.87
CA PHE A 234 5.92 31.55 32.11
C PHE A 234 5.73 32.79 32.98
N HIS A 235 6.62 33.76 32.82
CA HIS A 235 6.64 34.97 33.66
C HIS A 235 5.71 36.03 33.14
N ARG A 236 5.40 35.96 31.84
CA ARG A 236 4.35 36.77 31.23
C ARG A 236 3.32 35.78 30.68
N PRO A 237 2.04 36.19 30.63
CA PRO A 237 1.01 35.35 30.00
C PRO A 237 1.22 35.12 28.50
N ILE A 238 1.24 33.84 28.10
CA ILE A 238 1.48 33.42 26.73
C ILE A 238 0.15 33.26 26.01
N GLY A 239 0.10 33.75 24.76
CA GLY A 239 -1.14 33.77 24.00
C GLY A 239 -1.27 32.54 23.15
N LEU A 240 -2.38 31.81 23.32
CA LEU A 240 -2.67 30.62 22.51
C LEU A 240 -3.84 30.86 21.58
N ARG A 241 -3.69 30.33 20.36
CA ARG A 241 -4.73 30.33 19.37
C ARG A 241 -4.98 28.88 18.93
N ILE A 242 -6.22 28.39 19.12
CA ILE A 242 -6.59 27.03 18.75
C ILE A 242 -7.82 27.05 17.83
N PRO A 243 -7.79 26.34 16.69
CA PRO A 243 -8.99 26.22 15.83
C PRO A 243 -10.18 25.62 16.58
N LEU A 244 -11.36 26.16 16.34
CA LEU A 244 -12.57 25.71 17.01
C LEU A 244 -12.99 24.31 16.60
N PRO A 245 -13.75 23.61 17.46
CA PRO A 245 -14.36 22.36 17.03
C PRO A 245 -15.23 22.61 15.82
N PRO A 246 -15.25 21.67 14.88
CA PRO A 246 -15.93 21.90 13.59
C PRO A 246 -17.39 22.35 13.72
N SER A 247 -18.10 21.80 14.70
CA SER A 247 -19.52 22.07 14.88
C SER A 247 -19.79 23.49 15.42
N TRP A 248 -18.78 24.14 16.00
CA TRP A 248 -18.84 25.55 16.45
C TRP A 248 -18.52 26.49 15.32
N THR A 249 -17.56 26.16 14.46
CA THR A 249 -17.30 26.98 13.28
C THR A 249 -18.57 27.11 12.45
N ASP A 250 -19.25 25.99 12.21
CA ASP A 250 -20.45 25.96 11.36
C ASP A 250 -21.56 26.86 11.87
N ASN A 251 -21.97 26.63 13.11
CA ASN A 251 -22.98 27.42 13.75
C ASN A 251 -22.85 27.24 15.27
N PRO A 252 -22.38 28.29 15.99
CA PRO A 252 -22.24 28.21 17.44
C PRO A 252 -23.58 28.07 18.12
N ARG A 253 -23.66 27.18 19.10
CA ARG A 253 -24.89 26.94 19.86
C ARG A 253 -25.26 28.09 20.77
N ASP A 254 -24.27 28.91 21.12
CA ASP A 254 -24.47 30.07 21.99
C ASP A 254 -23.25 31.00 21.84
N SER A 255 -23.27 32.13 22.54
CA SER A 255 -22.21 33.16 22.47
C SER A 255 -20.85 32.61 22.86
N GLY A 256 -20.83 31.57 23.68
CA GLY A 256 -19.60 30.92 24.04
C GLY A 256 -18.75 31.71 25.03
N GLU A 257 -19.41 32.34 26.00
CA GLU A 257 -18.70 33.17 26.98
C GLU A 257 -19.28 33.03 28.37
N GLY A 258 -18.37 32.95 29.35
CA GLY A 258 -18.75 32.76 30.74
C GLY A 258 -18.74 31.29 31.06
N ASP A 259 -19.83 30.80 31.67
CA ASP A 259 -19.84 29.49 32.34
C ASP A 259 -20.77 28.39 31.81
N THR A 260 -22.02 28.70 31.41
CA THR A 260 -22.94 27.61 30.94
C THR A 260 -22.76 27.22 29.44
N THR A 261 -21.89 27.93 28.74
CA THR A 261 -21.61 27.66 27.32
C THR A 261 -21.23 26.19 27.05
N SER A 262 -21.70 25.68 25.93
CA SER A 262 -21.38 24.31 25.56
C SER A 262 -20.02 24.20 24.89
N LEU A 263 -19.30 25.31 24.71
CA LEU A 263 -17.94 25.28 24.20
C LEU A 263 -17.01 25.28 25.39
N ARG A 264 -16.42 24.13 25.67
CA ARG A 264 -15.64 23.91 26.87
C ARG A 264 -14.15 23.89 26.54
N LEU A 265 -13.37 24.56 27.38
CA LEU A 265 -11.92 24.55 27.30
C LEU A 265 -11.39 23.62 28.37
N LEU A 266 -10.69 22.58 27.93
CA LEU A 266 -10.13 21.61 28.84
C LEU A 266 -8.63 21.81 28.95
N CYS A 267 -8.10 21.47 30.12
CA CYS A 267 -6.70 21.63 30.38
C CYS A 267 -6.19 20.44 31.15
N SER A 268 -5.01 19.95 30.76
CA SER A 268 -4.25 18.99 31.56
C SER A 268 -2.82 19.47 31.77
N VAL A 269 -2.41 19.49 33.03
CA VAL A 269 -1.11 20.05 33.43
C VAL A 269 -0.05 18.97 33.72
N ILE A 270 -0.46 17.71 33.86
CA ILE A 270 0.47 16.69 34.31
C ILE A 270 1.54 16.39 33.27
N GLY A 271 2.68 15.93 33.78
CA GLY A 271 3.78 15.42 32.97
C GLY A 271 3.48 14.00 32.52
N GLY A 272 4.33 13.48 31.64
CA GLY A 272 4.30 12.08 31.24
C GLY A 272 3.94 11.89 29.79
N THR A 273 4.59 10.91 29.18
CA THR A 273 4.43 10.61 27.76
C THR A 273 3.06 10.03 27.48
N ASP A 274 2.27 10.75 26.69
CA ASP A 274 0.87 10.45 26.42
C ASP A 274 0.02 10.26 27.69
N GLN A 275 0.31 11.06 28.71
CA GLN A 275 -0.49 11.14 29.93
C GLN A 275 -1.30 12.44 29.94
N ALA A 276 -2.56 12.35 30.38
CA ALA A 276 -3.43 13.53 30.57
C ALA A 276 -4.37 13.28 31.74
N GLN A 277 -4.65 14.33 32.49
CA GLN A 277 -5.71 14.34 33.47
C GLN A 277 -6.50 15.61 33.20
N TRP A 278 -7.65 15.48 32.54
CA TRP A 278 -8.39 16.66 32.07
C TRP A 278 -9.23 17.34 33.13
N GLU A 279 -9.11 18.67 33.19
CA GLU A 279 -9.96 19.51 34.02
C GLU A 279 -10.65 20.52 33.10
N ASP A 280 -11.92 20.80 33.37
CA ASP A 280 -12.68 21.84 32.65
C ASP A 280 -12.35 23.18 33.28
N ILE A 281 -11.67 24.03 32.52
CA ILE A 281 -11.33 25.35 33.04
C ILE A 281 -12.11 26.43 32.30
N THR A 282 -13.28 26.08 31.76
CA THR A 282 -14.10 27.05 31.04
C THR A 282 -14.54 28.15 31.98
N GLY A 283 -14.38 29.39 31.53
CA GLY A 283 -14.66 30.53 32.39
C GLY A 283 -13.82 30.56 33.66
N THR A 284 -12.53 30.26 33.51
CA THR A 284 -11.52 30.76 34.43
C THR A 284 -10.56 31.70 33.66
N THR A 285 -10.56 31.59 32.33
CA THR A 285 -9.97 32.62 31.48
C THR A 285 -10.95 33.02 30.38
N LYS A 286 -10.69 34.15 29.74
CA LYS A 286 -11.57 34.68 28.71
C LYS A 286 -11.07 34.28 27.35
N LEU A 287 -11.99 33.72 26.55
CA LEU A 287 -11.72 33.34 25.17
C LEU A 287 -12.25 34.41 24.21
N VAL A 288 -11.43 34.78 23.22
CA VAL A 288 -11.87 35.64 22.12
C VAL A 288 -11.83 34.85 20.79
N TYR A 289 -12.93 34.92 20.05
CA TYR A 289 -13.09 34.13 18.82
C TYR A 289 -12.76 34.93 17.57
N ALA A 290 -11.93 34.37 16.68
CA ALA A 290 -11.64 35.04 15.40
C ALA A 290 -10.89 34.14 14.43
N ASN A 291 -11.23 34.27 13.16
CA ASN A 291 -10.70 33.39 12.11
C ASN A 291 -10.86 31.91 12.43
N GLU A 292 -12.03 31.57 12.97
CA GLU A 292 -12.41 30.18 13.29
C GLU A 292 -11.55 29.54 14.41
N CYS A 293 -11.00 30.39 15.28
CA CYS A 293 -10.10 29.95 16.35
C CYS A 293 -10.49 30.59 17.67
N ALA A 294 -10.17 29.92 18.78
CA ALA A 294 -10.30 30.51 20.11
C ALA A 294 -8.95 31.08 20.50
N ASN A 295 -8.97 32.19 21.24
CA ASN A 295 -7.75 32.88 21.71
C ASN A 295 -7.79 33.14 23.21
N PHE A 296 -6.78 32.66 23.92
CA PHE A 296 -6.74 32.80 25.36
C PHE A 296 -5.29 32.83 25.82
N THR A 297 -5.09 33.04 27.12
CA THR A 297 -3.74 33.08 27.68
C THR A 297 -3.50 31.95 28.69
N THR A 298 -2.24 31.60 28.88
CA THR A 298 -1.84 30.70 29.95
C THR A 298 -0.49 31.13 30.56
N ASN A 299 -0.37 30.97 31.87
CA ASN A 299 0.88 31.23 32.58
C ASN A 299 1.71 29.97 32.77
N VAL A 300 1.16 28.85 32.31
CA VAL A 300 1.83 27.57 32.45
C VAL A 300 1.77 26.81 31.16
N SER A 301 2.82 26.04 30.89
CA SER A 301 2.78 25.06 29.81
C SER A 301 1.86 23.92 30.22
N ALA A 302 1.17 23.34 29.23
CA ALA A 302 0.09 22.38 29.47
C ALA A 302 -0.47 21.86 28.17
N ARG A 303 -1.42 20.95 28.30
CA ARG A 303 -2.29 20.52 27.21
C ARG A 303 -3.63 21.27 27.26
N PHE A 304 -4.12 21.66 26.08
CA PHE A 304 -5.39 22.34 25.90
C PHE A 304 -6.18 21.67 24.79
N TRP A 305 -7.51 21.73 24.90
CA TRP A 305 -8.41 20.81 24.18
C TRP A 305 -9.75 21.50 24.25
N LEU A 306 -10.33 21.86 23.12
CA LEU A 306 -11.68 22.44 23.12
C LEU A 306 -12.70 21.38 22.68
N SER A 307 -13.85 21.39 23.32
CA SER A 307 -14.95 20.50 22.96
C SER A 307 -16.26 21.25 22.93
N ASP A 308 -17.01 21.10 21.86
CA ASP A 308 -18.37 21.60 21.74
C ASP A 308 -19.20 20.46 22.31
N CYS A 309 -19.66 20.62 23.53
CA CYS A 309 -20.25 19.50 24.30
C CYS A 309 -21.50 19.90 25.07
N PRO A 310 -22.69 19.81 24.43
CA PRO A 310 -23.95 20.28 25.06
C PRO A 310 -24.19 19.75 26.48
N ARG A 311 -24.02 18.45 26.68
CA ARG A 311 -24.10 17.86 28.02
C ARG A 311 -22.79 18.22 28.70
N THR A 312 -22.72 19.42 29.27
CA THR A 312 -21.44 20.01 29.67
C THR A 312 -20.73 19.24 30.79
N ALA A 313 -21.50 18.60 31.66
CA ALA A 313 -20.95 17.88 32.81
C ALA A 313 -20.21 16.60 32.40
N GLU A 314 -20.44 16.14 31.18
CA GLU A 314 -19.79 14.94 30.64
C GLU A 314 -18.52 15.21 29.80
N ALA A 315 -18.14 16.48 29.69
CA ALA A 315 -17.01 16.89 28.84
C ALA A 315 -15.70 16.25 29.22
N VAL A 316 -15.41 16.20 30.52
CA VAL A 316 -14.16 15.60 31.01
C VAL A 316 -14.18 14.08 30.82
N ASN A 317 -15.33 13.47 31.09
CA ASN A 317 -15.49 12.04 30.87
C ASN A 317 -15.29 11.70 29.39
N PHE A 318 -15.90 12.45 28.49
CA PHE A 318 -15.75 12.22 27.04
C PHE A 318 -14.32 12.40 26.56
N ALA A 319 -13.69 13.50 26.96
CA ALA A 319 -12.28 13.76 26.63
C ALA A 319 -11.40 12.61 27.07
N THR A 320 -11.68 12.09 28.26
CA THR A 320 -10.89 10.97 28.82
C THR A 320 -11.05 9.69 27.99
N LEU A 321 -12.29 9.34 27.65
CA LEU A 321 -12.57 8.15 26.83
C LEU A 321 -11.86 8.29 25.49
N LEU A 322 -11.98 9.48 24.91
CA LEU A 322 -11.42 9.76 23.60
C LEU A 322 -9.89 9.78 23.61
N TYR A 323 -9.32 10.47 24.59
CA TYR A 323 -7.87 10.63 24.66
C TYR A 323 -7.14 9.27 24.75
N LYS A 324 -7.65 8.38 25.60
CA LYS A 324 -7.10 7.02 25.75
C LYS A 324 -6.97 6.30 24.41
N GLU A 325 -7.83 6.63 23.45
CA GLU A 325 -7.82 5.96 22.15
C GLU A 325 -7.13 6.73 21.03
N LEU A 326 -6.77 8.00 21.25
CA LEU A 326 -6.18 8.79 20.16
C LEU A 326 -4.92 8.19 19.54
N PHE B 6 2.94 39.72 -14.64
CA PHE B 6 1.95 38.60 -14.60
C PHE B 6 0.97 38.66 -15.77
N LEU B 7 0.78 37.53 -16.46
CA LEU B 7 -0.18 37.40 -17.55
C LEU B 7 -1.62 37.22 -17.02
N VAL B 8 -1.73 36.70 -15.82
CA VAL B 8 -3.01 36.53 -15.17
C VAL B 8 -2.77 36.72 -13.69
N SER B 9 -3.75 37.29 -12.99
CA SER B 9 -3.61 37.53 -11.56
C SER B 9 -5.00 37.76 -10.97
N PHE B 10 -5.46 36.85 -10.12
CA PHE B 10 -6.82 36.94 -9.55
C PHE B 10 -6.91 36.18 -8.24
N MSE B 11 -7.80 36.64 -7.36
CA MSE B 11 -8.08 35.95 -6.10
C MSE B 11 -9.04 34.81 -6.35
O MSE B 11 -9.93 34.91 -7.20
CB MSE B 11 -8.77 36.88 -5.08
CG MSE B 11 -7.90 38.04 -4.61
SE MSE B 11 -6.20 37.44 -3.80
CE MSE B 11 -6.90 36.11 -2.52
N VAL B 12 -8.88 33.73 -5.62
CA VAL B 12 -9.83 32.62 -5.70
C VAL B 12 -9.99 31.97 -4.33
N ASP B 13 -11.19 31.49 -4.04
CA ASP B 13 -11.43 30.80 -2.79
C ASP B 13 -12.11 29.45 -3.08
N ALA B 14 -12.63 28.84 -2.02
CA ALA B 14 -13.34 27.58 -2.04
C ALA B 14 -14.42 27.48 -3.12
N ARG B 15 -14.97 28.61 -3.56
CA ARG B 15 -15.99 28.62 -4.62
C ARG B 15 -15.37 28.48 -6.00
N GLY B 16 -14.06 28.66 -6.09
CA GLY B 16 -13.34 28.52 -7.36
C GLY B 16 -13.41 29.76 -8.22
N GLY B 17 -12.85 29.65 -9.42
CA GLY B 17 -12.82 30.76 -10.37
C GLY B 17 -11.86 30.48 -11.51
N SER B 18 -11.92 31.31 -12.53
CA SER B 18 -11.03 31.20 -13.68
C SER B 18 -10.64 32.58 -14.25
N MSE B 19 -9.74 32.57 -15.24
CA MSE B 19 -9.40 33.80 -15.97
C MSE B 19 -8.57 33.48 -17.18
O MSE B 19 -7.78 32.53 -17.19
CB MSE B 19 -8.59 34.80 -15.14
CG MSE B 19 -8.51 36.17 -15.83
SE MSE B 19 -7.70 37.46 -14.60
CE MSE B 19 -9.39 37.98 -13.70
N ARG B 20 -8.73 34.29 -18.22
CA ARG B 20 -7.95 34.19 -19.43
C ARG B 20 -6.94 35.33 -19.47
N GLY B 21 -5.74 34.99 -19.93
CA GLY B 21 -4.76 35.99 -20.34
C GLY B 21 -5.21 36.61 -21.65
N SER B 22 -4.46 37.60 -22.12
CA SER B 22 -4.64 38.16 -23.44
C SER B 22 -4.71 37.06 -24.51
N ARG B 23 -5.48 37.28 -25.57
CA ARG B 23 -5.47 36.39 -26.72
C ARG B 23 -4.03 36.14 -27.25
N HIS B 24 -3.15 37.11 -27.16
CA HIS B 24 -1.76 36.92 -27.57
C HIS B 24 -1.04 35.80 -26.83
N ASN B 25 -1.41 35.49 -25.60
CA ASN B 25 -0.79 34.35 -24.93
C ASN B 25 -1.70 33.13 -24.73
N GLY B 26 -3.02 33.30 -24.85
CA GLY B 26 -3.99 32.19 -24.78
C GLY B 26 -4.02 31.42 -23.46
N LEU B 27 -3.36 31.93 -22.43
CA LEU B 27 -3.38 31.24 -21.17
C LEU B 27 -4.77 31.25 -20.59
N ARG B 28 -5.11 30.15 -19.94
CA ARG B 28 -6.38 30.01 -19.25
C ARG B 28 -6.17 29.17 -18.01
N VAL B 29 -6.52 29.74 -16.85
CA VAL B 29 -6.41 29.06 -15.58
C VAL B 29 -7.79 28.84 -14.97
N VAL B 30 -8.10 27.58 -14.65
CA VAL B 30 -9.38 27.20 -14.07
C VAL B 30 -9.18 26.47 -12.74
N ILE B 31 -9.64 27.09 -11.65
CA ILE B 31 -9.56 26.54 -10.29
C ILE B 31 -10.98 26.14 -9.90
N PRO B 32 -11.30 24.85 -9.96
CA PRO B 32 -12.66 24.46 -9.63
C PRO B 32 -13.02 24.69 -8.18
N PRO B 33 -14.33 24.70 -7.87
CA PRO B 33 -14.81 24.76 -6.49
C PRO B 33 -14.17 23.65 -5.65
N ARG B 34 -13.83 24.00 -4.41
CA ARG B 34 -13.34 23.05 -3.39
C ARG B 34 -11.91 22.53 -3.62
N THR B 35 -11.18 23.15 -4.53
CA THR B 35 -9.79 22.79 -4.75
C THR B 35 -8.91 23.64 -3.85
N CYS B 36 -9.37 24.84 -3.57
CA CYS B 36 -8.60 25.84 -2.91
C CYS B 36 -9.31 26.25 -1.60
N ALA B 37 -8.83 25.74 -0.46
CA ALA B 37 -9.52 25.91 0.84
C ALA B 37 -9.60 27.35 1.33
N ALA B 38 -8.51 28.10 1.13
CA ALA B 38 -8.42 29.48 1.63
C ALA B 38 -8.18 30.48 0.48
N PRO B 39 -8.44 31.77 0.73
CA PRO B 39 -8.08 32.81 -0.23
C PRO B 39 -6.64 32.66 -0.72
N THR B 40 -6.46 32.74 -2.04
CA THR B 40 -5.16 32.56 -2.68
C THR B 40 -5.14 33.45 -3.94
N ARG B 41 -4.02 34.14 -4.13
CA ARG B 41 -3.75 34.93 -5.33
C ARG B 41 -3.16 33.98 -6.40
N ILE B 42 -3.94 33.70 -7.45
CA ILE B 42 -3.43 32.83 -8.53
C ILE B 42 -2.76 33.68 -9.59
N THR B 43 -1.51 33.37 -9.90
CA THR B 43 -0.77 34.10 -10.90
C THR B 43 -0.14 33.17 -11.92
N CYS B 44 0.09 33.70 -13.11
CA CYS B 44 0.88 33.02 -14.10
C CYS B 44 1.75 34.04 -14.82
N ARG B 45 2.99 33.66 -15.12
CA ARG B 45 3.87 34.54 -15.91
C ARG B 45 4.70 33.67 -16.84
N LEU B 46 5.16 34.28 -17.93
CA LEU B 46 6.06 33.62 -18.85
C LEU B 46 7.46 33.74 -18.34
N VAL B 47 8.27 32.71 -18.60
CA VAL B 47 9.69 32.76 -18.26
C VAL B 47 10.49 32.67 -19.52
N LYS B 48 11.34 33.66 -19.76
CA LYS B 48 12.19 33.61 -20.93
C LYS B 48 13.27 32.53 -20.76
N PRO B 49 13.51 31.72 -21.81
CA PRO B 49 14.43 30.59 -21.65
C PRO B 49 15.87 30.97 -21.25
N GLN B 50 16.33 32.15 -21.68
CA GLN B 50 17.70 32.60 -21.40
C GLN B 50 17.92 32.95 -19.93
N LYS B 51 16.83 33.29 -19.23
CA LYS B 51 16.86 33.53 -17.78
C LYS B 51 17.00 32.25 -16.93
N LEU B 52 16.83 31.08 -17.53
CA LEU B 52 16.92 29.82 -16.78
C LEU B 52 18.37 29.37 -16.56
N SER B 53 18.70 29.04 -15.31
CA SER B 53 20.01 28.49 -14.97
C SER B 53 20.25 27.16 -15.69
N THR B 54 19.27 26.25 -15.60
CA THR B 54 19.33 24.96 -16.29
C THR B 54 18.11 24.76 -17.20
N PRO B 55 18.30 25.02 -18.51
CA PRO B 55 17.19 24.94 -19.44
C PRO B 55 16.88 23.50 -19.84
N PRO B 56 15.63 23.23 -20.24
CA PRO B 56 15.26 21.86 -20.56
C PRO B 56 16.18 21.25 -21.61
N PRO B 57 16.87 20.14 -21.29
CA PRO B 57 17.76 19.53 -22.27
C PRO B 57 16.98 18.87 -23.39
N LEU B 58 17.59 18.76 -24.57
CA LEU B 58 16.89 18.30 -25.74
C LEU B 58 17.68 17.24 -26.49
N ALA B 59 17.07 16.07 -26.64
CA ALA B 59 17.58 15.06 -27.56
C ALA B 59 17.48 15.62 -28.97
N GLU B 60 17.98 14.85 -29.93
CA GLU B 60 18.18 15.35 -31.27
C GLU B 60 16.92 15.94 -31.86
N GLU B 61 15.81 15.20 -31.72
CA GLU B 61 14.57 15.57 -32.41
C GLU B 61 13.53 16.19 -31.45
N GLU B 62 14.00 16.69 -30.32
CA GLU B 62 13.15 17.33 -29.32
C GLU B 62 13.16 18.86 -29.47
N GLY B 63 12.06 19.50 -29.10
CA GLY B 63 11.99 20.96 -29.03
C GLY B 63 10.96 21.45 -28.05
N LEU B 64 11.14 22.66 -27.55
CA LEU B 64 10.11 23.34 -26.77
C LEU B 64 8.95 23.71 -27.69
N ALA B 65 7.72 23.41 -27.28
CA ALA B 65 6.55 23.68 -28.10
C ALA B 65 5.58 24.67 -27.45
N SER B 66 5.97 25.29 -26.34
CA SER B 66 5.17 26.36 -25.80
C SER B 66 6.09 27.28 -25.07
N ARG B 67 5.53 28.38 -24.59
CA ARG B 67 6.19 29.20 -23.60
C ARG B 67 6.33 28.43 -22.29
N ILE B 68 7.39 28.78 -21.57
CA ILE B 68 7.59 28.30 -20.23
C ILE B 68 6.78 29.18 -19.31
N ILE B 69 5.99 28.56 -18.43
CA ILE B 69 5.15 29.28 -17.52
C ILE B 69 5.51 28.99 -16.04
N ALA B 70 5.36 30.02 -15.22
CA ALA B 70 5.52 29.89 -13.79
C ALA B 70 4.18 30.27 -13.17
N LEU B 71 3.48 29.27 -12.63
CA LEU B 71 2.22 29.49 -11.93
C LEU B 71 2.51 29.78 -10.46
N GLY B 72 1.77 30.73 -9.89
CA GLY B 72 1.96 31.08 -8.48
C GLY B 72 0.67 30.92 -7.68
N PRO B 73 0.79 30.68 -6.36
CA PRO B 73 2.04 30.54 -5.59
C PRO B 73 2.78 29.26 -5.93
N THR B 74 4.11 29.32 -6.11
CA THR B 74 4.90 28.09 -6.33
C THR B 74 4.73 27.18 -5.14
N GLY B 75 4.68 25.87 -5.38
CA GLY B 75 4.43 24.91 -4.31
C GLY B 75 2.99 24.79 -3.83
N ALA B 76 2.07 25.59 -4.37
CA ALA B 76 0.66 25.40 -3.99
C ALA B 76 0.21 23.94 -4.21
N GLN B 77 -0.47 23.36 -3.22
CA GLN B 77 -1.11 22.04 -3.34
C GLN B 77 -2.61 22.30 -3.38
N PHE B 78 -3.34 21.62 -4.25
CA PHE B 78 -4.78 21.81 -4.32
C PHE B 78 -5.42 20.52 -3.86
N LEU B 79 -6.64 20.61 -3.34
CA LEU B 79 -7.33 19.43 -2.75
C LEU B 79 -7.76 18.41 -3.80
N SER B 80 -7.99 18.88 -5.03
CA SER B 80 -8.12 18.00 -6.19
C SER B 80 -7.67 18.79 -7.45
N PRO B 81 -7.60 18.16 -8.63
CA PRO B 81 -6.93 18.81 -9.76
C PRO B 81 -7.49 20.19 -10.18
N VAL B 82 -6.59 21.01 -10.71
CA VAL B 82 -6.92 22.29 -11.35
C VAL B 82 -6.43 22.21 -12.79
N ILE B 83 -6.86 23.13 -13.63
CA ILE B 83 -6.62 23.02 -15.07
C ILE B 83 -5.98 24.28 -15.60
N VAL B 84 -4.95 24.11 -16.43
CA VAL B 84 -4.31 25.22 -17.11
C VAL B 84 -4.25 24.84 -18.57
N GLU B 85 -4.80 25.68 -19.42
CA GLU B 85 -4.63 25.52 -20.86
C GLU B 85 -3.66 26.56 -21.42
N ILE B 86 -2.85 26.12 -22.35
CA ILE B 86 -1.81 26.95 -22.98
C ILE B 86 -1.68 26.61 -24.46
N PRO B 87 -1.60 27.62 -25.34
CA PRO B 87 -1.35 27.28 -26.75
C PRO B 87 0.04 26.68 -27.02
N HIS B 88 0.14 25.86 -28.06
CA HIS B 88 1.42 25.32 -28.48
C HIS B 88 1.74 25.73 -29.89
N PHE B 89 3.01 25.63 -30.25
CA PHE B 89 3.43 25.97 -31.60
C PHE B 89 4.24 24.87 -32.27
N ALA B 90 3.89 23.62 -32.00
CA ALA B 90 4.62 22.50 -32.59
C ALA B 90 4.38 22.46 -34.09
N SER B 91 5.45 22.14 -34.83
CA SER B 91 5.47 22.11 -36.29
C SER B 91 5.01 20.77 -36.87
N HIS B 92 4.13 20.06 -36.18
CA HIS B 92 3.71 18.75 -36.66
C HIS B 92 2.38 18.31 -36.10
N GLY B 93 1.88 17.22 -36.68
CA GLY B 93 0.69 16.52 -36.21
C GLY B 93 0.98 15.43 -35.19
N ARG B 94 0.01 14.53 -35.03
CA ARG B 94 0.03 13.42 -34.08
C ARG B 94 0.42 12.06 -34.72
N GLY B 95 1.62 12.00 -35.28
CA GLY B 95 2.15 10.76 -35.87
C GLY B 95 3.36 10.29 -35.08
N ASP B 96 4.55 10.49 -35.63
CA ASP B 96 5.78 10.01 -35.00
C ASP B 96 6.27 10.83 -33.81
N ARG B 97 5.75 12.05 -33.69
CA ARG B 97 6.10 12.95 -32.59
C ARG B 97 4.86 13.21 -31.74
N GLU B 98 5.08 13.46 -30.46
CA GLU B 98 4.00 13.73 -29.49
C GLU B 98 4.36 14.96 -28.65
N LEU B 99 3.35 15.55 -28.04
CA LEU B 99 3.52 16.63 -27.10
C LEU B 99 3.33 16.09 -25.68
N VAL B 100 4.22 16.50 -24.79
CA VAL B 100 4.24 16.05 -23.43
C VAL B 100 4.39 17.28 -22.53
N VAL B 101 3.73 17.25 -21.38
CA VAL B 101 3.92 18.32 -20.39
C VAL B 101 5.15 18.01 -19.55
N LEU B 102 6.10 18.94 -19.49
CA LEU B 102 7.27 18.84 -18.60
C LEU B 102 7.11 19.75 -17.38
N ARG B 103 7.70 19.35 -16.25
CA ARG B 103 7.71 20.18 -15.06
C ARG B 103 9.12 20.23 -14.47
N SER B 104 9.41 21.29 -13.74
CA SER B 104 10.64 21.36 -12.98
C SER B 104 10.26 21.81 -11.60
N GLU B 105 10.70 21.07 -10.58
CA GLU B 105 10.30 21.42 -9.23
C GLU B 105 10.93 22.72 -8.80
N ASN B 106 12.23 22.88 -9.04
CA ASN B 106 12.89 24.17 -8.69
C ASN B 106 13.77 24.78 -9.77
N GLY B 107 13.68 24.27 -11.01
CA GLY B 107 14.44 24.84 -12.12
C GLY B 107 15.64 24.02 -12.52
N SER B 108 15.99 23.00 -11.74
CA SER B 108 17.25 22.29 -11.93
C SER B 108 17.10 21.01 -12.76
N VAL B 109 15.93 20.38 -12.67
CA VAL B 109 15.67 19.14 -13.39
C VAL B 109 14.33 19.29 -14.11
N TRP B 110 14.17 18.57 -15.22
CA TRP B 110 12.99 18.60 -16.05
C TRP B 110 12.51 17.19 -16.27
N LYS B 111 11.28 16.90 -15.87
CA LYS B 111 10.67 15.60 -16.11
C LYS B 111 9.22 15.77 -16.61
N GLU B 112 8.75 14.75 -17.32
CA GLU B 112 7.35 14.60 -17.65
C GLU B 112 6.42 14.76 -16.43
N HIS B 113 5.43 15.64 -16.56
CA HIS B 113 4.39 15.83 -15.53
C HIS B 113 3.40 14.70 -15.62
N ARG B 114 2.99 14.17 -14.48
CA ARG B 114 2.05 13.05 -14.41
C ARG B 114 0.73 13.50 -13.77
N SER B 115 -0.37 13.11 -14.40
CA SER B 115 -1.68 13.21 -13.76
C SER B 115 -2.38 11.85 -13.79
N ARG B 116 -2.75 11.37 -12.62
CA ARG B 116 -3.40 10.07 -12.51
C ARG B 116 -4.82 10.16 -13.11
N TYR B 117 -5.52 11.25 -12.79
CA TYR B 117 -6.89 11.47 -13.23
C TYR B 117 -6.92 12.59 -14.25
N GLY B 118 -6.86 12.20 -15.51
CA GLY B 118 -6.64 13.15 -16.57
C GLY B 118 -7.90 13.44 -17.33
N GLU B 119 -7.74 13.41 -18.64
CA GLU B 119 -8.77 13.85 -19.58
C GLU B 119 -10.09 13.09 -19.45
N SER B 120 -10.05 11.83 -19.07
CA SER B 120 -11.25 10.99 -19.03
C SER B 120 -12.10 11.19 -17.76
N TYR B 121 -11.86 12.27 -17.03
CA TYR B 121 -12.53 12.57 -15.76
C TYR B 121 -12.91 14.06 -15.63
N LEU B 122 -13.00 14.76 -16.75
CA LEU B 122 -13.08 16.22 -16.77
C LEU B 122 -14.30 16.74 -16.09
N ASP B 123 -15.44 16.10 -16.36
CA ASP B 123 -16.70 16.54 -15.77
C ASP B 123 -16.67 16.38 -14.24
N GLN B 124 -15.89 15.42 -13.74
CA GLN B 124 -15.79 15.22 -12.28
C GLN B 124 -14.86 16.25 -11.64
N ILE B 125 -13.73 16.49 -12.29
CA ILE B 125 -12.71 17.43 -11.85
C ILE B 125 -13.32 18.81 -11.67
N LEU B 126 -14.20 19.19 -12.57
CA LEU B 126 -14.91 20.47 -12.50
C LEU B 126 -15.71 20.68 -11.22
N ASN B 127 -16.04 19.61 -10.49
CA ASN B 127 -16.79 19.73 -9.21
C ASN B 127 -18.04 20.62 -9.35
N GLY B 128 -18.79 20.39 -10.42
CA GLY B 128 -20.05 21.11 -10.68
C GLY B 128 -19.92 22.58 -11.05
N MSE B 129 -18.76 22.95 -11.60
CA MSE B 129 -18.49 24.34 -11.96
C MSE B 129 -19.09 24.65 -13.29
O MSE B 129 -19.28 23.76 -14.13
CB MSE B 129 -16.98 24.55 -12.03
CG MSE B 129 -16.51 26.00 -12.11
SE MSE B 129 -14.58 26.05 -12.57
CE MSE B 129 -14.62 24.78 -14.05
N ASP B 130 -19.38 25.94 -13.48
CA ASP B 130 -20.09 26.44 -14.65
C ASP B 130 -19.15 26.85 -15.80
N GLU B 131 -18.09 26.08 -16.03
CA GLU B 131 -17.15 26.40 -17.11
C GLU B 131 -17.25 25.39 -18.22
N GLU B 132 -16.97 25.85 -19.43
CA GLU B 132 -16.89 24.97 -20.57
C GLU B 132 -15.42 24.69 -20.80
N LEU B 133 -15.05 23.42 -20.62
CA LEU B 133 -13.81 22.94 -21.16
C LEU B 133 -14.20 22.42 -22.54
N GLY B 134 -13.48 22.82 -23.57
CA GLY B 134 -13.63 22.21 -24.88
C GLY B 134 -13.16 20.78 -24.76
N SER B 135 -13.36 19.99 -25.82
CA SER B 135 -12.90 18.59 -25.85
C SER B 135 -11.47 18.56 -26.34
N LEU B 136 -10.90 17.36 -26.47
CA LEU B 136 -9.56 17.22 -27.00
C LEU B 136 -9.50 17.74 -28.42
N GLU B 137 -10.25 17.08 -29.32
CA GLU B 137 -10.23 17.40 -30.74
C GLU B 137 -10.50 18.88 -31.01
N GLU B 138 -11.31 19.52 -30.17
CA GLU B 138 -11.46 20.97 -30.21
C GLU B 138 -10.12 21.67 -29.93
N LEU B 139 -9.38 21.13 -28.96
CA LEU B 139 -8.09 21.68 -28.52
C LEU B 139 -6.96 21.32 -29.50
N GLU B 140 -6.96 20.09 -30.02
CA GLU B 140 -6.07 19.71 -31.11
C GLU B 140 -6.16 20.73 -32.24
N LYS B 141 -7.37 20.90 -32.79
CA LYS B 141 -7.60 21.80 -33.90
C LYS B 141 -7.27 23.25 -33.57
N LYS B 142 -7.31 23.63 -32.31
CA LYS B 142 -6.96 24.98 -31.91
C LYS B 142 -5.48 25.13 -31.48
N ARG B 143 -4.73 24.03 -31.51
CA ARG B 143 -3.35 23.98 -30.99
C ARG B 143 -3.24 24.52 -29.55
N VAL B 144 -4.06 23.96 -28.66
CA VAL B 144 -4.05 24.27 -27.24
C VAL B 144 -3.80 22.98 -26.50
N CYS B 145 -2.92 23.03 -25.50
CA CYS B 145 -2.61 21.90 -24.62
C CYS B 145 -3.21 22.13 -23.23
N ARG B 146 -3.67 21.06 -22.60
CA ARG B 146 -4.30 21.18 -21.30
C ARG B 146 -3.47 20.47 -20.23
N ILE B 147 -3.12 21.21 -19.18
CA ILE B 147 -2.32 20.68 -18.09
C ILE B 147 -3.28 20.46 -16.92
N ILE B 148 -3.32 19.24 -16.41
CA ILE B 148 -4.14 18.87 -15.27
C ILE B 148 -3.21 18.53 -14.09
N THR B 149 -3.36 19.24 -12.98
CA THR B 149 -2.35 19.15 -11.93
C THR B 149 -2.96 19.41 -10.57
N THR B 150 -2.42 18.75 -9.54
CA THR B 150 -2.83 19.03 -8.18
C THR B 150 -1.83 19.93 -7.48
N ASP B 151 -0.87 20.48 -8.22
CA ASP B 151 0.11 21.35 -7.61
C ASP B 151 0.80 22.27 -8.62
N PHE B 152 1.44 23.30 -8.12
CA PHE B 152 2.14 24.26 -8.94
C PHE B 152 3.64 24.06 -8.74
N PRO B 153 4.32 23.35 -9.65
CA PRO B 153 5.78 23.32 -9.62
C PRO B 153 6.31 24.67 -10.07
N LEU B 154 7.60 24.93 -9.97
CA LEU B 154 8.14 26.24 -10.39
C LEU B 154 7.81 26.51 -11.85
N TYR B 155 8.07 25.54 -12.72
CA TYR B 155 7.90 25.71 -14.17
C TYR B 155 7.11 24.57 -14.83
N PHE B 156 6.31 24.90 -15.85
CA PHE B 156 5.75 23.92 -16.81
C PHE B 156 6.16 24.38 -18.22
N VAL B 157 6.35 23.43 -19.14
CA VAL B 157 6.46 23.77 -20.55
C VAL B 157 6.06 22.55 -21.35
N ILE B 158 5.49 22.76 -22.55
CA ILE B 158 5.16 21.63 -23.45
C ILE B 158 6.40 21.30 -24.27
N MSE B 159 6.67 20.00 -24.42
CA MSE B 159 7.82 19.50 -25.20
C MSE B 159 7.34 18.66 -26.35
O MSE B 159 6.46 17.81 -26.19
CB MSE B 159 8.81 18.68 -24.38
CG MSE B 159 9.92 18.07 -25.23
SE MSE B 159 11.16 16.88 -24.21
CE MSE B 159 12.34 18.43 -23.92
N SER B 160 7.94 18.90 -27.52
CA SER B 160 7.74 18.05 -28.69
C SER B 160 8.86 17.01 -28.70
N ARG B 161 8.51 15.74 -28.87
CA ARG B 161 9.51 14.68 -28.93
C ARG B 161 8.99 13.51 -29.76
N LEU B 162 9.90 12.60 -30.08
CA LEU B 162 9.54 11.34 -30.70
C LEU B 162 8.73 10.52 -29.72
N CYS B 163 7.66 9.86 -30.20
CA CYS B 163 6.82 9.02 -29.33
C CYS B 163 7.71 8.05 -28.57
N GLN B 164 7.51 7.97 -27.26
CA GLN B 164 8.38 7.20 -26.38
C GLN B 164 7.79 5.87 -25.99
N ASP B 165 6.53 5.65 -26.35
CA ASP B 165 5.85 4.43 -25.92
C ASP B 165 6.53 3.21 -26.52
N TYR B 166 6.64 2.15 -25.73
CA TYR B 166 7.07 0.86 -26.27
C TYR B 166 6.59 -0.28 -25.40
N ASP B 167 6.53 -1.46 -26.01
CA ASP B 167 6.30 -2.71 -25.31
C ASP B 167 7.45 -3.65 -25.65
N ILE B 168 7.63 -4.66 -24.81
CA ILE B 168 8.68 -5.64 -25.03
C ILE B 168 8.04 -6.93 -25.50
N ILE B 169 8.46 -7.38 -26.67
CA ILE B 169 8.08 -8.70 -27.23
C ILE B 169 9.31 -9.55 -27.49
N GLY B 170 9.28 -10.80 -27.05
CA GLY B 170 10.36 -11.78 -27.24
C GLY B 170 9.91 -13.01 -28.03
N PRO B 171 10.71 -14.08 -28.01
CA PRO B 171 10.39 -15.24 -28.85
C PRO B 171 9.08 -15.98 -28.47
N GLU B 172 8.60 -15.80 -27.23
CA GLU B 172 7.31 -16.36 -26.82
C GLU B 172 6.12 -15.71 -27.53
N GLY B 173 6.32 -14.55 -28.14
CA GLY B 173 5.27 -13.91 -28.90
C GLY B 173 4.43 -13.04 -27.99
N GLY B 174 3.35 -12.50 -28.54
CA GLY B 174 2.50 -11.63 -27.77
C GLY B 174 1.75 -10.69 -28.67
N SER B 175 1.18 -9.65 -28.08
CA SER B 175 0.37 -8.71 -28.82
C SER B 175 0.57 -7.27 -28.35
N LEU B 176 0.44 -6.35 -29.30
CA LEU B 176 0.52 -4.92 -29.04
C LEU B 176 -0.84 -4.33 -29.34
N LYS B 177 -1.15 -3.26 -28.63
CA LYS B 177 -2.33 -2.44 -28.85
C LYS B 177 -1.85 -1.01 -28.99
N SER B 178 -2.63 -0.23 -29.73
CA SER B 178 -2.35 1.19 -29.89
C SER B 178 -2.79 2.04 -28.65
N LYS B 179 -1.99 3.07 -28.38
CA LYS B 179 -2.29 4.05 -27.34
C LYS B 179 -3.58 4.83 -27.71
N LEU B 180 -3.56 5.52 -28.86
CA LEU B 180 -4.66 6.42 -29.25
C LEU B 180 -5.92 5.73 -29.83
N VAL B 181 -5.80 4.52 -30.41
CA VAL B 181 -6.90 3.88 -31.17
C VAL B 181 -7.12 2.41 -30.80
N PRO B 182 -8.33 2.08 -30.30
CA PRO B 182 -8.52 0.86 -29.50
C PRO B 182 -8.36 -0.45 -30.25
N LEU B 183 -9.01 -0.55 -31.40
CA LEU B 183 -9.10 -1.79 -32.13
C LEU B 183 -7.83 -2.11 -32.94
N VAL B 184 -6.91 -1.16 -33.05
CA VAL B 184 -5.66 -1.40 -33.74
C VAL B 184 -4.82 -2.37 -32.92
N GLN B 185 -4.47 -3.51 -33.51
CA GLN B 185 -3.79 -4.57 -32.79
C GLN B 185 -2.76 -5.29 -33.69
N ALA B 186 -1.61 -5.65 -33.08
CA ALA B 186 -0.59 -6.47 -33.73
C ALA B 186 -0.39 -7.76 -32.95
N THR B 187 -0.38 -8.91 -33.64
CA THR B 187 -0.16 -10.21 -33.02
C THR B 187 1.19 -10.81 -33.49
N PHE B 188 2.12 -10.98 -32.56
CA PHE B 188 3.44 -11.54 -32.89
C PHE B 188 3.45 -13.00 -32.46
N PRO B 189 3.52 -13.94 -33.41
CA PRO B 189 3.55 -15.32 -32.97
C PRO B 189 4.91 -15.70 -32.41
N GLU B 190 4.98 -16.87 -31.79
CA GLU B 190 6.21 -17.45 -31.32
C GLU B 190 7.29 -17.40 -32.41
N ASN B 191 8.50 -17.03 -32.03
CA ASN B 191 9.66 -16.93 -32.93
C ASN B 191 9.60 -15.90 -34.05
N ALA B 192 8.67 -14.95 -33.98
CA ALA B 192 8.65 -13.81 -34.87
C ALA B 192 9.93 -13.01 -34.71
N VAL B 193 10.45 -12.97 -33.48
CA VAL B 193 11.69 -12.28 -33.16
C VAL B 193 12.54 -13.26 -32.36
N THR B 194 13.85 -13.04 -32.38
CA THR B 194 14.78 -13.98 -31.78
C THR B 194 15.01 -13.71 -30.31
N LYS B 195 14.93 -12.43 -29.94
CA LYS B 195 15.13 -12.00 -28.57
C LYS B 195 14.09 -10.99 -28.15
N ARG B 196 14.09 -10.70 -26.85
CA ARG B 196 13.23 -9.67 -26.28
C ARG B 196 13.64 -8.32 -26.87
N VAL B 197 12.71 -7.66 -27.55
CA VAL B 197 12.99 -6.36 -28.17
C VAL B 197 11.90 -5.33 -27.96
N LYS B 198 12.30 -4.08 -28.08
CA LYS B 198 11.38 -2.94 -28.02
C LYS B 198 10.66 -2.69 -29.34
N LEU B 199 9.33 -2.70 -29.28
CA LEU B 199 8.45 -2.42 -30.40
C LEU B 199 7.38 -1.39 -30.00
N ALA B 200 6.73 -0.76 -30.96
CA ALA B 200 5.51 0.00 -30.67
C ALA B 200 4.57 -0.10 -31.86
N LEU B 201 3.29 -0.07 -31.56
CA LEU B 201 2.26 -0.04 -32.56
C LEU B 201 1.61 1.33 -32.47
N GLN B 202 1.93 2.20 -33.42
CA GLN B 202 1.52 3.61 -33.41
C GLN B 202 0.33 3.76 -34.33
N ALA B 203 -0.76 4.33 -33.83
CA ALA B 203 -1.95 4.55 -34.64
C ALA B 203 -2.26 6.05 -34.67
N GLN B 204 -2.35 6.64 -35.86
CA GLN B 204 -2.75 8.04 -36.00
C GLN B 204 -4.14 8.12 -36.58
N PRO B 205 -5.09 8.68 -35.82
CA PRO B 205 -6.40 8.93 -36.38
C PRO B 205 -6.35 9.88 -37.58
N VAL B 206 -7.34 9.75 -38.46
CA VAL B 206 -7.48 10.60 -39.62
C VAL B 206 -8.85 11.29 -39.56
N PRO B 207 -8.88 12.60 -39.27
CA PRO B 207 -10.17 13.26 -39.03
C PRO B 207 -11.03 13.45 -40.32
N ASP B 208 -12.33 13.14 -40.22
CA ASP B 208 -13.30 13.21 -41.34
C ASP B 208 -13.23 14.59 -42.00
N GLU B 209 -13.17 15.63 -41.17
CA GLU B 209 -13.21 17.02 -41.65
C GLU B 209 -12.00 17.34 -42.52
N LEU B 210 -10.84 16.77 -42.19
CA LEU B 210 -9.64 17.05 -42.99
C LEU B 210 -9.67 16.32 -44.34
N VAL B 211 -10.16 15.08 -44.38
CA VAL B 211 -10.25 14.39 -45.67
C VAL B 211 -11.26 15.07 -46.60
N THR B 212 -12.41 15.43 -46.04
CA THR B 212 -13.44 16.20 -46.75
C THR B 212 -12.90 17.54 -47.28
N LYS B 213 -12.12 18.25 -46.46
CA LYS B 213 -11.52 19.51 -46.91
C LYS B 213 -10.62 19.33 -48.14
N LEU B 214 -9.76 18.31 -48.12
CA LEU B 214 -8.73 18.12 -49.16
C LEU B 214 -9.12 17.22 -50.33
N LEU B 215 -10.02 16.28 -50.08
CA LEU B 215 -10.40 15.29 -51.07
C LEU B 215 -11.87 15.23 -51.37
N GLY B 216 -12.69 15.98 -50.65
CA GLY B 216 -14.13 15.90 -50.80
C GLY B 216 -14.63 14.51 -50.45
N ASN B 217 -15.53 13.97 -51.26
CA ASN B 217 -16.11 12.64 -51.03
C ASN B 217 -15.47 11.56 -51.92
N GLN B 218 -14.23 11.76 -52.35
CA GLN B 218 -13.59 10.85 -53.31
C GLN B 218 -13.00 9.56 -52.69
N ALA B 219 -12.66 9.62 -51.41
CA ALA B 219 -12.16 8.46 -50.66
C ALA B 219 -12.33 8.67 -49.16
N THR B 220 -12.39 7.60 -48.39
CA THR B 220 -12.26 7.69 -46.91
C THR B 220 -11.12 6.78 -46.48
N PHE B 221 -10.61 7.00 -45.28
CA PHE B 221 -9.42 6.36 -44.81
C PHE B 221 -9.56 5.82 -43.40
N SER B 222 -8.78 4.77 -43.13
CA SER B 222 -8.56 4.24 -41.81
C SER B 222 -7.53 5.08 -41.09
N PRO B 223 -7.31 4.82 -39.80
CA PRO B 223 -6.12 5.38 -39.20
C PRO B 223 -4.87 4.85 -39.88
N ILE B 224 -3.76 5.58 -39.74
CA ILE B 224 -2.47 5.10 -40.23
C ILE B 224 -1.81 4.30 -39.14
N VAL B 225 -1.41 3.07 -39.45
CA VAL B 225 -0.77 2.19 -38.46
C VAL B 225 0.68 1.86 -38.81
N THR B 226 1.57 2.21 -37.89
CA THR B 226 3.01 2.02 -38.08
C THR B 226 3.55 1.05 -37.02
N VAL B 227 4.17 -0.05 -37.49
CA VAL B 227 4.93 -0.94 -36.63
C VAL B 227 6.35 -0.36 -36.52
N GLU B 228 6.73 0.07 -35.32
CA GLU B 228 8.03 0.69 -35.13
C GLU B 228 8.86 -0.30 -34.36
N PRO B 229 10.17 -0.28 -34.55
CA PRO B 229 10.87 0.58 -35.50
C PRO B 229 10.81 0.02 -36.92
N ARG B 230 10.84 0.91 -37.91
CA ARG B 230 10.74 0.51 -39.31
C ARG B 230 12.07 -0.14 -39.77
N ARG B 231 12.11 -0.65 -40.98
CA ARG B 231 13.29 -1.37 -41.51
C ARG B 231 13.68 -2.59 -40.66
N ARG B 232 12.70 -3.37 -40.25
CA ARG B 232 12.94 -4.62 -39.56
C ARG B 232 12.22 -5.72 -40.32
N LYS B 233 12.84 -6.89 -40.40
CA LYS B 233 12.17 -8.07 -40.96
C LYS B 233 11.87 -9.01 -39.79
N PHE B 234 10.68 -9.60 -39.79
CA PHE B 234 10.33 -10.63 -38.81
C PHE B 234 10.49 -12.03 -39.40
N HIS B 235 10.70 -13.02 -38.53
CA HIS B 235 10.94 -14.43 -38.94
C HIS B 235 9.67 -15.23 -39.07
N ARG B 236 8.56 -14.66 -38.61
CA ARG B 236 7.23 -15.18 -38.91
C ARG B 236 6.35 -13.99 -39.30
N PRO B 237 5.22 -14.25 -39.98
CA PRO B 237 4.26 -13.17 -40.26
C PRO B 237 3.64 -12.59 -38.99
N ILE B 238 3.62 -11.27 -38.88
CA ILE B 238 2.96 -10.57 -37.77
C ILE B 238 1.53 -10.32 -38.21
N GLY B 239 0.55 -10.53 -37.34
CA GLY B 239 -0.84 -10.28 -37.66
C GLY B 239 -1.23 -8.85 -37.34
N LEU B 240 -1.89 -8.18 -38.27
CA LEU B 240 -2.30 -6.80 -38.03
C LEU B 240 -3.83 -6.72 -38.11
N ARG B 241 -4.43 -5.93 -37.23
CA ARG B 241 -5.85 -5.61 -37.29
C ARG B 241 -5.97 -4.10 -37.30
N ILE B 242 -6.64 -3.58 -38.34
CA ILE B 242 -6.80 -2.16 -38.56
C ILE B 242 -8.29 -1.84 -38.82
N PRO B 243 -8.86 -0.83 -38.14
CA PRO B 243 -10.24 -0.39 -38.38
C PRO B 243 -10.46 0.05 -39.83
N LEU B 244 -11.63 -0.30 -40.36
CA LEU B 244 -11.93 -0.05 -41.77
C LEU B 244 -12.16 1.46 -41.96
N PRO B 245 -11.97 1.95 -43.20
CA PRO B 245 -12.43 3.30 -43.48
C PRO B 245 -13.92 3.34 -43.20
N PRO B 246 -14.41 4.46 -42.64
CA PRO B 246 -15.81 4.51 -42.20
C PRO B 246 -16.82 4.19 -43.29
N SER B 247 -16.56 4.59 -44.54
CA SER B 247 -17.52 4.33 -45.62
C SER B 247 -17.57 2.84 -45.98
N TRP B 248 -16.49 2.12 -45.72
CA TRP B 248 -16.50 0.67 -45.87
C TRP B 248 -17.26 -0.02 -44.76
N THR B 249 -17.07 0.41 -43.51
CA THR B 249 -17.79 -0.14 -42.36
C THR B 249 -19.30 0.03 -42.56
N ASP B 250 -19.73 1.21 -43.01
CA ASP B 250 -21.17 1.50 -43.23
C ASP B 250 -21.82 0.63 -44.31
N ASN B 251 -21.17 0.57 -45.47
CA ASN B 251 -21.74 -0.15 -46.61
C ASN B 251 -20.65 -0.42 -47.65
N PRO B 252 -20.07 -1.63 -47.62
CA PRO B 252 -18.97 -1.96 -48.55
C PRO B 252 -19.44 -1.92 -49.99
N ARG B 253 -18.61 -1.34 -50.84
CA ARG B 253 -18.91 -1.12 -52.26
C ARG B 253 -18.84 -2.39 -53.09
N ASP B 254 -17.91 -3.27 -52.71
CA ASP B 254 -17.73 -4.59 -53.34
C ASP B 254 -17.28 -5.62 -52.27
N SER B 255 -16.57 -6.69 -52.66
CA SER B 255 -16.26 -7.83 -51.72
C SER B 255 -15.27 -7.64 -50.52
N GLY B 256 -14.24 -6.81 -50.59
CA GLY B 256 -13.45 -6.55 -51.73
C GLY B 256 -12.26 -7.50 -51.59
N GLU B 257 -12.17 -8.41 -52.54
CA GLU B 257 -11.20 -9.49 -52.51
C GLU B 257 -10.20 -9.28 -53.63
N GLY B 258 -9.06 -9.96 -53.53
CA GLY B 258 -7.97 -9.76 -54.48
C GLY B 258 -7.66 -8.28 -54.68
N ASP B 259 -7.34 -7.92 -55.91
CA ASP B 259 -7.18 -6.54 -56.33
C ASP B 259 -8.44 -6.14 -57.12
N THR B 260 -8.42 -4.92 -57.68
CA THR B 260 -9.60 -4.28 -58.32
C THR B 260 -10.66 -3.77 -57.34
N THR B 261 -10.68 -4.27 -56.10
CA THR B 261 -11.55 -3.73 -55.08
C THR B 261 -11.27 -2.26 -54.77
N SER B 262 -12.32 -1.52 -54.40
CA SER B 262 -12.17 -0.13 -53.93
C SER B 262 -11.45 0.00 -52.61
N LEU B 263 -11.46 -1.05 -51.79
CA LEU B 263 -10.74 -1.03 -50.54
C LEU B 263 -9.27 -1.32 -50.84
N ARG B 264 -8.44 -0.29 -50.79
CA ARG B 264 -7.02 -0.39 -51.12
C ARG B 264 -6.19 -0.49 -49.86
N LEU B 265 -5.20 -1.39 -49.87
CA LEU B 265 -4.22 -1.45 -48.79
C LEU B 265 -2.92 -0.79 -49.27
N LEU B 266 -2.54 0.28 -48.59
CA LEU B 266 -1.34 1.03 -48.89
C LEU B 266 -0.28 0.77 -47.85
N CYS B 267 0.97 0.83 -48.27
CA CYS B 267 2.10 0.53 -47.43
C CYS B 267 3.26 1.47 -47.72
N SER B 268 3.95 1.91 -46.67
CA SER B 268 5.19 2.67 -46.80
C SER B 268 6.25 2.05 -45.89
N VAL B 269 7.37 1.67 -46.50
CA VAL B 269 8.44 0.99 -45.80
C VAL B 269 9.58 1.91 -45.36
N ILE B 270 9.68 3.13 -45.90
CA ILE B 270 10.86 3.98 -45.59
C ILE B 270 10.92 4.48 -44.14
N GLY B 271 12.15 4.67 -43.65
CA GLY B 271 12.41 5.22 -42.32
C GLY B 271 12.23 6.75 -42.35
N GLY B 272 12.37 7.38 -41.20
CA GLY B 272 12.37 8.84 -41.11
C GLY B 272 11.14 9.39 -40.39
N THR B 273 11.36 10.45 -39.63
CA THR B 273 10.30 11.00 -38.81
C THR B 273 9.28 11.70 -39.71
N ASP B 274 8.02 11.26 -39.61
CA ASP B 274 6.93 11.69 -40.48
C ASP B 274 7.23 11.67 -42.00
N GLN B 275 8.02 10.67 -42.42
CA GLN B 275 8.24 10.38 -43.85
C GLN B 275 7.41 9.18 -44.28
N ALA B 276 6.93 9.22 -45.52
CA ALA B 276 6.25 8.09 -46.13
C ALA B 276 6.38 8.10 -47.62
N GLN B 277 6.50 6.93 -48.21
CA GLN B 277 6.37 6.76 -49.66
C GLN B 277 5.36 5.63 -49.90
N TRP B 278 4.16 6.01 -50.25
CA TRP B 278 3.02 5.10 -50.27
C TRP B 278 3.02 4.28 -51.52
N GLU B 279 2.93 2.96 -51.35
CA GLU B 279 2.73 2.06 -52.47
C GLU B 279 1.42 1.31 -52.23
N ASP B 280 0.69 1.05 -53.31
CA ASP B 280 -0.54 0.28 -53.28
C ASP B 280 -0.20 -1.20 -53.34
N ILE B 281 -0.38 -1.90 -52.23
CA ILE B 281 -0.06 -3.33 -52.18
C ILE B 281 -1.33 -4.20 -52.14
N THR B 282 -2.45 -3.65 -52.62
CA THR B 282 -3.72 -4.38 -52.60
C THR B 282 -3.59 -5.69 -53.40
N GLY B 283 -4.00 -6.80 -52.79
CA GLY B 283 -4.00 -8.09 -53.46
C GLY B 283 -2.71 -8.90 -53.38
N THR B 284 -1.71 -8.38 -52.69
CA THR B 284 -0.48 -9.10 -52.46
C THR B 284 -0.58 -9.88 -51.14
N THR B 285 -1.59 -9.56 -50.32
CA THR B 285 -1.94 -10.40 -49.19
C THR B 285 -3.43 -10.38 -48.90
N LYS B 286 -3.86 -11.37 -48.11
CA LYS B 286 -5.26 -11.68 -47.91
C LYS B 286 -5.84 -10.87 -46.77
N LEU B 287 -6.86 -10.06 -47.07
CA LEU B 287 -7.60 -9.36 -46.02
C LEU B 287 -8.80 -10.20 -45.57
N VAL B 288 -8.91 -10.41 -44.25
CA VAL B 288 -10.08 -11.01 -43.64
C VAL B 288 -10.77 -9.96 -42.77
N TYR B 289 -12.06 -9.78 -43.02
CA TYR B 289 -12.85 -8.71 -42.44
C TYR B 289 -13.69 -9.23 -41.29
N ALA B 290 -13.57 -8.62 -40.13
CA ALA B 290 -14.43 -8.98 -39.00
C ALA B 290 -14.40 -7.87 -37.97
N ASN B 291 -15.52 -7.68 -37.28
CA ASN B 291 -15.65 -6.66 -36.26
C ASN B 291 -15.22 -5.28 -36.72
N GLU B 292 -15.58 -4.95 -37.95
CA GLU B 292 -15.35 -3.63 -38.52
C GLU B 292 -13.84 -3.31 -38.70
N CYS B 293 -13.05 -4.37 -38.88
CA CYS B 293 -11.60 -4.25 -39.07
C CYS B 293 -11.15 -5.15 -40.20
N ALA B 294 -10.02 -4.81 -40.81
CA ALA B 294 -9.33 -5.67 -41.75
C ALA B 294 -8.21 -6.37 -40.97
N ASN B 295 -8.01 -7.65 -41.26
CA ASN B 295 -6.93 -8.46 -40.65
C ASN B 295 -6.05 -9.03 -41.75
N PHE B 296 -4.74 -8.87 -41.59
CA PHE B 296 -3.78 -9.40 -42.57
C PHE B 296 -2.42 -9.50 -41.89
N THR B 297 -1.42 -10.02 -42.59
CA THR B 297 -0.09 -10.22 -42.02
C THR B 297 0.96 -9.48 -42.82
N THR B 298 2.09 -9.23 -42.17
CA THR B 298 3.26 -8.62 -42.80
C THR B 298 4.48 -9.32 -42.23
N ASN B 299 5.52 -9.39 -43.04
CA ASN B 299 6.83 -9.92 -42.65
C ASN B 299 7.84 -8.82 -42.38
N VAL B 300 7.43 -7.57 -42.57
CA VAL B 300 8.30 -6.42 -42.39
C VAL B 300 7.62 -5.34 -41.53
N SER B 301 8.39 -4.54 -40.80
CA SER B 301 7.81 -3.38 -40.12
C SER B 301 7.59 -2.33 -41.20
N ALA B 302 6.54 -1.54 -41.06
CA ALA B 302 6.13 -0.57 -42.08
C ALA B 302 4.96 0.23 -41.60
N ARG B 303 4.55 1.22 -42.40
CA ARG B 303 3.28 1.90 -42.20
C ARG B 303 2.25 1.25 -43.10
N PHE B 304 1.03 1.12 -42.60
CA PHE B 304 -0.08 0.60 -43.36
C PHE B 304 -1.29 1.53 -43.26
N TRP B 305 -1.98 1.77 -44.38
CA TRP B 305 -3.37 2.25 -44.29
C TRP B 305 -4.26 1.93 -45.40
N LEU B 306 -5.53 1.98 -45.02
CA LEU B 306 -6.63 1.56 -45.85
C LEU B 306 -7.37 2.77 -46.37
N SER B 307 -7.72 2.68 -47.65
CA SER B 307 -8.50 3.71 -48.29
C SER B 307 -9.57 3.04 -49.11
N ASP B 308 -10.81 3.44 -48.87
CA ASP B 308 -11.96 3.16 -49.74
C ASP B 308 -11.91 4.25 -50.80
N CYS B 309 -11.58 3.87 -52.04
CA CYS B 309 -11.19 4.85 -53.06
C CYS B 309 -11.55 4.36 -54.47
N PRO B 310 -12.83 4.53 -54.87
CA PRO B 310 -13.41 4.02 -56.12
C PRO B 310 -12.55 4.25 -57.36
N ARG B 311 -11.97 5.44 -57.48
CA ARG B 311 -11.03 5.71 -58.57
C ARG B 311 -9.72 5.15 -58.09
N THR B 312 -9.52 3.84 -58.22
CA THR B 312 -8.46 3.18 -57.47
C THR B 312 -7.05 3.61 -57.89
N ALA B 313 -6.89 4.02 -59.14
CA ALA B 313 -5.60 4.47 -59.63
C ALA B 313 -5.10 5.72 -58.89
N GLU B 314 -5.99 6.51 -58.29
CA GLU B 314 -5.61 7.73 -57.56
C GLU B 314 -5.22 7.50 -56.08
N ALA B 315 -5.32 6.27 -55.59
CA ALA B 315 -5.16 6.01 -54.16
C ALA B 315 -3.88 6.62 -53.56
N VAL B 316 -2.74 6.34 -54.18
CA VAL B 316 -1.45 6.89 -53.76
C VAL B 316 -1.38 8.43 -53.83
N ASN B 317 -1.97 9.05 -54.86
CA ASN B 317 -1.92 10.51 -54.97
C ASN B 317 -2.76 11.16 -53.89
N PHE B 318 -3.90 10.55 -53.56
CA PHE B 318 -4.76 11.08 -52.52
C PHE B 318 -4.08 10.93 -51.17
N ALA B 319 -3.53 9.74 -50.92
CA ALA B 319 -2.85 9.45 -49.66
C ALA B 319 -1.64 10.37 -49.40
N THR B 320 -0.83 10.57 -50.44
CA THR B 320 0.35 11.40 -50.37
C THR B 320 -0.06 12.85 -50.02
N LEU B 321 -1.11 13.32 -50.69
CA LEU B 321 -1.66 14.66 -50.51
C LEU B 321 -2.19 14.84 -49.08
N LEU B 322 -3.05 13.92 -48.65
CA LEU B 322 -3.57 13.90 -47.28
C LEU B 322 -2.42 13.76 -46.26
N TYR B 323 -1.50 12.84 -46.53
CA TYR B 323 -0.46 12.58 -45.54
C TYR B 323 0.39 13.83 -45.26
N LYS B 324 0.60 14.66 -46.28
CA LYS B 324 1.36 15.90 -46.13
C LYS B 324 0.74 16.83 -45.10
N GLU B 325 -0.57 16.77 -44.94
CA GLU B 325 -1.27 17.65 -44.05
C GLU B 325 -1.57 17.04 -42.68
N LEU B 326 -1.29 15.74 -42.48
CA LEU B 326 -1.42 15.12 -41.15
C LEU B 326 -0.23 15.50 -40.26
N PHE C 6 1.35 2.84 33.55
CA PHE C 6 0.50 1.63 33.46
C PHE C 6 -0.44 1.75 32.27
N LEU C 7 -0.51 0.71 31.46
CA LEU C 7 -1.44 0.64 30.35
C LEU C 7 -2.84 0.25 30.83
N VAL C 8 -2.88 -0.52 31.92
CA VAL C 8 -4.11 -0.85 32.58
C VAL C 8 -3.88 -0.77 34.10
N SER C 9 -4.87 -0.25 34.83
CA SER C 9 -4.79 -0.16 36.28
C SER C 9 -6.18 -0.05 36.86
N PHE C 10 -6.57 -1.06 37.64
CA PHE C 10 -7.90 -1.06 38.22
C PHE C 10 -8.02 -1.96 39.45
N MSE C 11 -9.01 -1.64 40.28
CA MSE C 11 -9.35 -2.40 41.46
C MSE C 11 -10.28 -3.52 41.08
O MSE C 11 -11.21 -3.35 40.29
CB MSE C 11 -10.03 -1.51 42.49
CG MSE C 11 -9.17 -0.36 43.03
SE MSE C 11 -7.60 -0.96 44.09
CE MSE C 11 -8.42 -2.44 45.09
N VAL C 12 -10.03 -4.69 41.63
CA VAL C 12 -10.89 -5.84 41.42
C VAL C 12 -11.05 -6.50 42.78
N ASP C 13 -12.10 -7.29 42.94
CA ASP C 13 -12.28 -8.08 44.15
C ASP C 13 -12.93 -9.45 43.79
N ALA C 14 -13.59 -10.09 44.75
CA ALA C 14 -14.13 -11.44 44.54
C ALA C 14 -15.19 -11.49 43.43
N ARG C 15 -15.82 -10.37 43.16
CA ARG C 15 -16.83 -10.26 42.08
C ARG C 15 -16.26 -10.15 40.65
N GLY C 16 -14.95 -9.99 40.51
CA GLY C 16 -14.35 -9.99 39.20
C GLY C 16 -14.46 -8.66 38.48
N GLY C 17 -13.79 -8.56 37.35
CA GLY C 17 -13.71 -7.30 36.61
C GLY C 17 -12.74 -7.42 35.45
N SER C 18 -12.82 -6.48 34.52
CA SER C 18 -11.93 -6.49 33.37
C SER C 18 -11.63 -5.08 32.88
N MSE C 19 -10.58 -4.97 32.08
CA MSE C 19 -10.16 -3.71 31.51
C MSE C 19 -9.42 -3.95 30.21
O MSE C 19 -8.72 -4.96 30.06
CB MSE C 19 -9.22 -3.06 32.52
CG MSE C 19 -8.63 -1.76 32.01
SE MSE C 19 -9.97 -0.34 31.99
CE MSE C 19 -8.78 0.37 33.41
N ARG C 20 -9.60 -3.04 29.27
CA ARG C 20 -8.77 -2.99 28.07
C ARG C 20 -7.89 -1.76 28.13
N GLY C 21 -6.67 -1.93 27.68
CA GLY C 21 -5.81 -0.81 27.40
C GLY C 21 -6.24 -0.17 26.11
N SER C 22 -5.57 0.92 25.78
CA SER C 22 -5.77 1.63 24.54
C SER C 22 -5.73 0.66 23.36
N ARG C 23 -6.49 0.97 22.33
CA ARG C 23 -6.46 0.21 21.08
C ARG C 23 -5.01 0.11 20.51
N HIS C 24 -4.16 1.09 20.77
CA HIS C 24 -2.77 1.03 20.29
C HIS C 24 -1.96 -0.06 20.94
N ASN C 25 -2.34 -0.54 22.12
CA ASN C 25 -1.63 -1.64 22.73
C ASN C 25 -2.40 -2.97 22.77
N GLY C 26 -3.73 -2.93 22.68
CA GLY C 26 -4.54 -4.14 22.55
C GLY C 26 -4.62 -5.05 23.78
N LEU C 27 -4.07 -4.61 24.92
CA LEU C 27 -4.06 -5.44 26.12
C LEU C 27 -5.48 -5.62 26.63
N ARG C 28 -5.76 -6.81 27.11
CA ARG C 28 -7.00 -7.09 27.75
C ARG C 28 -6.73 -7.96 28.96
N VAL C 29 -7.21 -7.54 30.11
CA VAL C 29 -7.05 -8.29 31.35
C VAL C 29 -8.42 -8.60 31.88
N VAL C 30 -8.71 -9.89 32.02
CA VAL C 30 -9.99 -10.37 32.50
C VAL C 30 -9.78 -11.19 33.80
N ILE C 31 -10.30 -10.68 34.91
CA ILE C 31 -10.20 -11.31 36.20
C ILE C 31 -11.61 -11.82 36.61
N PRO C 32 -11.91 -13.11 36.37
CA PRO C 32 -13.24 -13.64 36.63
C PRO C 32 -13.66 -13.60 38.10
N PRO C 33 -14.97 -13.70 38.36
CA PRO C 33 -15.50 -13.85 39.71
C PRO C 33 -14.81 -14.95 40.50
N ARG C 34 -14.63 -14.72 41.78
CA ARG C 34 -14.14 -15.76 42.71
C ARG C 34 -12.69 -16.25 42.43
N THR C 35 -11.92 -15.50 41.66
CA THR C 35 -10.50 -15.80 41.45
C THR C 35 -9.61 -14.95 42.36
N CYS C 36 -10.14 -13.81 42.78
CA CYS C 36 -9.38 -12.80 43.50
C CYS C 36 -10.08 -12.57 44.83
N ALA C 37 -9.54 -13.17 45.90
CA ALA C 37 -10.22 -13.24 47.20
C ALA C 37 -10.29 -11.92 47.97
N ALA C 38 -9.26 -11.11 47.87
CA ALA C 38 -9.22 -9.83 48.57
C ALA C 38 -9.15 -8.77 47.50
N PRO C 39 -9.63 -7.55 47.80
CA PRO C 39 -9.47 -6.45 46.84
C PRO C 39 -8.02 -6.28 46.45
N THR C 40 -7.77 -6.01 45.18
CA THR C 40 -6.41 -6.03 44.66
C THR C 40 -6.34 -5.07 43.47
N ARG C 41 -5.24 -4.35 43.38
CA ARG C 41 -4.99 -3.42 42.26
C ARG C 41 -4.29 -4.17 41.15
N ILE C 42 -4.99 -4.37 40.03
CA ILE C 42 -4.43 -5.08 38.88
C ILE C 42 -3.83 -4.08 37.91
N THR C 43 -2.57 -4.29 37.56
CA THR C 43 -1.88 -3.42 36.64
C THR C 43 -1.22 -4.21 35.53
N CYS C 44 -0.92 -3.50 34.44
CA CYS C 44 -0.08 -4.01 33.36
C CYS C 44 0.76 -2.90 32.77
N ARG C 45 2.03 -3.19 32.53
CA ARG C 45 2.86 -2.24 31.78
C ARG C 45 3.77 -2.98 30.82
N LEU C 46 4.23 -2.25 29.80
CA LEU C 46 5.14 -2.78 28.84
C LEU C 46 6.55 -2.62 29.36
N VAL C 47 7.41 -3.56 28.99
CA VAL C 47 8.80 -3.49 29.37
C VAL C 47 9.63 -3.47 28.11
N LYS C 48 10.48 -2.47 28.01
CA LYS C 48 11.41 -2.35 26.90
C LYS C 48 12.50 -3.41 27.07
N PRO C 49 12.87 -4.12 26.00
CA PRO C 49 13.95 -5.11 26.09
C PRO C 49 15.32 -4.59 26.57
N GLN C 50 15.69 -3.36 26.19
CA GLN C 50 16.93 -2.73 26.65
C GLN C 50 17.06 -2.76 28.17
N LYS C 51 15.92 -2.65 28.85
CA LYS C 51 15.88 -2.58 30.31
C LYS C 51 16.11 -3.92 31.04
N LEU C 52 16.03 -5.04 30.34
CA LEU C 52 16.21 -6.34 30.98
C LEU C 52 17.71 -6.64 31.18
N SER C 53 18.09 -6.91 32.42
CA SER C 53 19.44 -7.38 32.71
C SER C 53 19.71 -8.67 31.95
N THR C 54 18.74 -9.58 31.97
CA THR C 54 18.85 -10.84 31.28
C THR C 54 17.70 -10.99 30.27
N PRO C 55 17.93 -10.54 29.01
CA PRO C 55 16.89 -10.74 28.00
C PRO C 55 16.69 -12.21 27.68
N PRO C 56 15.55 -12.56 27.08
CA PRO C 56 15.43 -13.95 26.70
C PRO C 56 16.57 -14.31 25.73
N PRO C 57 17.27 -15.43 26.01
CA PRO C 57 18.22 -15.95 25.03
C PRO C 57 17.43 -16.67 23.95
N LEU C 58 17.77 -16.42 22.70
CA LEU C 58 17.01 -16.95 21.59
C LEU C 58 17.92 -17.80 20.72
N ALA C 59 17.46 -19.01 20.43
CA ALA C 59 18.11 -19.85 19.44
C ALA C 59 17.98 -19.19 18.07
N GLU C 60 18.64 -19.80 17.08
CA GLU C 60 18.74 -19.25 15.74
C GLU C 60 17.39 -18.84 15.18
N GLU C 61 16.41 -19.74 15.27
CA GLU C 61 15.08 -19.52 14.68
C GLU C 61 14.05 -19.06 15.70
N GLU C 62 14.49 -18.57 16.86
CA GLU C 62 13.59 -18.01 17.86
C GLU C 62 13.57 -16.47 17.81
N GLY C 63 12.38 -15.89 18.00
CA GLY C 63 12.23 -14.43 18.03
C GLY C 63 11.09 -14.05 18.96
N LEU C 64 11.15 -12.87 19.56
CA LEU C 64 10.03 -12.36 20.33
C LEU C 64 8.92 -11.94 19.36
N ALA C 65 7.69 -12.20 19.74
CA ALA C 65 6.54 -11.96 18.88
C ALA C 65 5.53 -10.98 19.47
N SER C 66 5.74 -10.56 20.72
CA SER C 66 4.87 -9.59 21.37
C SER C 66 5.72 -8.65 22.18
N ARG C 67 5.11 -7.64 22.76
CA ARG C 67 5.74 -6.84 23.81
C ARG C 67 5.88 -7.69 25.05
N ILE C 68 6.93 -7.39 25.83
CA ILE C 68 7.10 -7.95 27.14
C ILE C 68 6.16 -7.21 28.06
N ILE C 69 5.38 -7.94 28.86
CA ILE C 69 4.47 -7.32 29.82
C ILE C 69 4.78 -7.72 31.28
N ALA C 70 4.55 -6.78 32.19
CA ALA C 70 4.68 -6.99 33.61
C ALA C 70 3.33 -6.74 34.21
N LEU C 71 2.71 -7.81 34.69
CA LEU C 71 1.39 -7.75 35.26
C LEU C 71 1.57 -7.64 36.76
N GLY C 72 0.90 -6.67 37.38
CA GLY C 72 1.05 -6.39 38.80
C GLY C 72 -0.22 -6.70 39.57
N PRO C 73 -0.09 -7.02 40.88
CA PRO C 73 1.18 -7.13 41.60
C PRO C 73 1.94 -8.41 41.25
N THR C 74 3.25 -8.28 41.11
CA THR C 74 4.11 -9.40 40.77
C THR C 74 3.96 -10.47 41.84
N GLY C 75 3.83 -11.72 41.42
CA GLY C 75 3.67 -12.84 42.35
C GLY C 75 2.23 -13.08 42.81
N ALA C 76 1.28 -12.29 42.30
CA ALA C 76 -0.12 -12.48 42.64
C ALA C 76 -0.58 -13.89 42.30
N GLN C 77 -1.32 -14.50 43.20
CA GLN C 77 -1.82 -15.85 43.04
C GLN C 77 -3.35 -15.78 42.99
N PHE C 78 -3.94 -16.44 42.01
CA PHE C 78 -5.39 -16.43 41.86
C PHE C 78 -5.98 -17.79 42.19
N LEU C 79 -7.24 -17.82 42.65
CA LEU C 79 -7.89 -19.08 43.10
C LEU C 79 -8.24 -20.02 41.95
N SER C 80 -8.37 -19.45 40.75
CA SER C 80 -8.51 -20.20 39.50
C SER C 80 -8.07 -19.27 38.34
N PRO C 81 -7.97 -19.79 37.10
CA PRO C 81 -7.30 -18.98 36.05
C PRO C 81 -7.94 -17.65 35.69
N VAL C 82 -7.06 -16.68 35.42
CA VAL C 82 -7.40 -15.40 34.82
C VAL C 82 -6.83 -15.37 33.42
N ILE C 83 -7.23 -14.35 32.66
CA ILE C 83 -6.93 -14.28 31.23
C ILE C 83 -6.35 -12.92 30.86
N VAL C 84 -5.31 -12.95 30.05
CA VAL C 84 -4.74 -11.74 29.51
C VAL C 84 -4.57 -12.00 28.02
N GLU C 85 -5.12 -11.11 27.19
CA GLU C 85 -4.92 -11.20 25.74
C GLU C 85 -3.98 -10.09 25.28
N ILE C 86 -3.08 -10.41 24.37
CA ILE C 86 -2.09 -9.45 23.89
C ILE C 86 -1.90 -9.66 22.39
N PRO C 87 -1.82 -8.57 21.62
CA PRO C 87 -1.49 -8.74 20.20
C PRO C 87 -0.08 -9.30 19.96
N HIS C 88 0.11 -9.99 18.85
CA HIS C 88 1.42 -10.45 18.43
C HIS C 88 1.76 -9.91 17.08
N PHE C 89 3.03 -9.97 16.75
CA PHE C 89 3.55 -9.44 15.49
C PHE C 89 4.34 -10.49 14.74
N ALA C 90 3.95 -11.76 14.90
CA ALA C 90 4.66 -12.87 14.25
C ALA C 90 4.66 -12.70 12.73
N SER C 91 5.76 -13.04 12.11
CA SER C 91 5.87 -12.93 10.66
C SER C 91 5.61 -14.27 9.98
N HIS C 92 4.74 -15.08 10.57
CA HIS C 92 4.35 -16.37 10.01
C HIS C 92 3.00 -16.77 10.52
N GLY C 93 2.41 -17.79 9.92
CA GLY C 93 1.21 -18.39 10.45
C GLY C 93 1.54 -19.60 11.31
N ARG C 94 0.57 -20.47 11.48
CA ARG C 94 0.82 -21.80 11.96
C ARG C 94 1.43 -22.52 10.77
N GLY C 95 2.06 -23.64 11.02
CA GLY C 95 2.90 -24.31 10.04
C GLY C 95 4.04 -24.95 10.81
N ASP C 96 5.27 -24.73 10.36
CA ASP C 96 6.43 -25.31 11.03
C ASP C 96 6.86 -24.47 12.22
N ARG C 97 6.23 -23.31 12.39
CA ARG C 97 6.52 -22.41 13.50
C ARG C 97 5.28 -22.25 14.35
N GLU C 98 5.50 -22.05 15.65
CA GLU C 98 4.45 -21.85 16.61
C GLU C 98 4.78 -20.69 17.54
N LEU C 99 3.75 -20.12 18.13
CA LEU C 99 3.88 -19.13 19.18
C LEU C 99 3.66 -19.84 20.51
N VAL C 100 4.50 -19.54 21.48
CA VAL C 100 4.35 -20.05 22.83
C VAL C 100 4.45 -18.89 23.83
N VAL C 101 3.85 -19.06 25.01
CA VAL C 101 3.99 -18.11 26.10
C VAL C 101 5.23 -18.38 26.95
N LEU C 102 6.10 -17.38 27.06
CA LEU C 102 7.28 -17.44 27.92
C LEU C 102 6.99 -16.67 29.19
N ARG C 103 7.51 -17.15 30.31
CA ARG C 103 7.46 -16.44 31.59
C ARG C 103 8.85 -16.34 32.25
N SER C 104 9.03 -15.33 33.07
CA SER C 104 10.20 -15.21 33.90
C SER C 104 9.73 -14.79 35.28
N GLU C 105 10.17 -15.50 36.32
CA GLU C 105 9.75 -15.18 37.69
C GLU C 105 10.34 -13.88 38.21
N ASN C 106 11.64 -13.68 38.01
CA ASN C 106 12.32 -12.45 38.48
C ASN C 106 13.18 -11.74 37.44
N GLY C 107 13.06 -12.17 36.18
CA GLY C 107 13.80 -11.57 35.08
C GLY C 107 15.10 -12.23 34.75
N SER C 108 15.49 -13.25 35.52
CA SER C 108 16.79 -13.90 35.34
C SER C 108 16.71 -15.19 34.49
N VAL C 109 15.54 -15.80 34.42
CA VAL C 109 15.39 -17.05 33.64
C VAL C 109 14.04 -17.06 32.93
N TRP C 110 14.02 -17.61 31.73
CA TRP C 110 12.82 -17.59 30.89
C TRP C 110 12.45 -18.99 30.57
N LYS C 111 11.17 -19.30 30.80
CA LYS C 111 10.64 -20.63 30.63
C LYS C 111 9.26 -20.61 30.01
N GLU C 112 8.91 -21.72 29.36
CA GLU C 112 7.63 -21.90 28.74
C GLU C 112 6.53 -21.97 29.81
N HIS C 113 5.51 -21.14 29.64
CA HIS C 113 4.38 -21.04 30.55
C HIS C 113 3.43 -22.17 30.34
N ARG C 114 2.96 -22.76 31.44
CA ARG C 114 2.02 -23.86 31.40
C ARG C 114 0.65 -23.45 31.90
N SER C 115 -0.39 -23.84 31.16
CA SER C 115 -1.76 -23.75 31.66
C SER C 115 -2.43 -25.10 31.45
N ARG C 116 -2.92 -25.68 32.52
CA ARG C 116 -3.40 -27.04 32.49
C ARG C 116 -4.79 -27.08 31.84
N TYR C 117 -5.70 -26.26 32.36
CA TYR C 117 -7.08 -26.21 31.86
C TYR C 117 -7.15 -25.46 30.51
N GLY C 118 -7.16 -24.14 30.59
CA GLY C 118 -6.94 -23.34 29.42
C GLY C 118 -8.05 -23.36 28.39
N GLU C 119 -7.64 -23.43 27.14
CA GLU C 119 -8.51 -23.20 26.00
C GLU C 119 -9.64 -24.21 25.90
N SER C 120 -9.43 -25.40 26.43
CA SER C 120 -10.43 -26.45 26.31
C SER C 120 -11.67 -26.22 27.20
N TYR C 121 -11.63 -25.19 28.05
CA TYR C 121 -12.62 -24.99 29.10
C TYR C 121 -12.95 -23.50 29.33
N LEU C 122 -13.04 -22.73 28.26
CA LEU C 122 -13.24 -21.27 28.39
C LEU C 122 -14.49 -20.91 29.17
N ASP C 123 -15.58 -21.62 28.90
CA ASP C 123 -16.86 -21.39 29.60
C ASP C 123 -16.81 -21.55 31.12
N GLN C 124 -15.93 -22.44 31.57
CA GLN C 124 -15.78 -22.76 32.98
C GLN C 124 -14.97 -21.72 33.69
N ILE C 125 -13.87 -21.32 33.06
CA ILE C 125 -12.94 -20.34 33.62
C ILE C 125 -13.58 -18.99 33.93
N LEU C 126 -14.54 -18.59 33.11
CA LEU C 126 -15.22 -17.31 33.30
C LEU C 126 -16.09 -17.26 34.56
N ASN C 127 -16.41 -18.42 35.13
CA ASN C 127 -17.13 -18.46 36.40
C ASN C 127 -18.41 -17.64 36.34
N GLY C 128 -19.14 -17.77 35.24
CA GLY C 128 -20.42 -17.06 35.06
C GLY C 128 -20.32 -15.59 34.68
N MSE C 129 -19.11 -15.10 34.44
CA MSE C 129 -18.92 -13.69 34.06
C MSE C 129 -19.56 -13.37 32.72
O MSE C 129 -19.43 -14.14 31.78
CB MSE C 129 -17.43 -13.40 33.96
CG MSE C 129 -17.09 -11.92 33.98
SE MSE C 129 -15.15 -11.74 33.75
CE MSE C 129 -14.94 -9.86 34.28
N ASP C 130 -20.23 -12.22 32.60
CA ASP C 130 -20.79 -11.82 31.29
C ASP C 130 -19.73 -11.14 30.41
N GLU C 131 -18.99 -11.94 29.64
CA GLU C 131 -17.81 -11.48 28.91
C GLU C 131 -17.54 -12.44 27.75
N GLU C 132 -16.91 -11.95 26.69
CA GLU C 132 -16.77 -12.75 25.47
C GLU C 132 -15.30 -13.12 25.19
N LEU C 133 -15.05 -14.43 25.03
CA LEU C 133 -13.73 -14.99 24.77
C LEU C 133 -13.74 -15.80 23.47
N GLY C 134 -13.11 -15.27 22.42
CA GLY C 134 -13.18 -15.86 21.08
C GLY C 134 -12.47 -17.20 20.95
N SER C 135 -12.67 -17.85 19.81
CA SER C 135 -12.03 -19.14 19.56
C SER C 135 -10.57 -18.93 19.16
N LEU C 136 -9.79 -20.00 19.22
CA LEU C 136 -8.39 -19.96 18.80
C LEU C 136 -8.26 -19.61 17.32
N GLU C 137 -9.28 -19.97 16.55
CA GLU C 137 -9.38 -19.60 15.15
C GLU C 137 -9.62 -18.08 15.03
N GLU C 138 -10.53 -17.53 15.84
CA GLU C 138 -10.86 -16.09 15.83
C GLU C 138 -9.70 -15.20 16.28
N LEU C 139 -8.97 -15.64 17.29
CA LEU C 139 -7.81 -14.91 17.78
C LEU C 139 -6.67 -14.91 16.75
N GLU C 140 -6.49 -16.04 16.05
CA GLU C 140 -5.49 -16.14 14.98
C GLU C 140 -5.75 -15.11 13.87
N LYS C 141 -6.99 -14.96 13.45
CA LYS C 141 -7.33 -13.99 12.41
C LYS C 141 -7.04 -12.55 12.86
N LYS C 142 -7.24 -12.29 14.15
CA LYS C 142 -7.00 -10.95 14.72
C LYS C 142 -5.55 -10.74 15.18
N ARG C 143 -4.71 -11.77 15.08
CA ARG C 143 -3.33 -11.75 15.59
C ARG C 143 -3.22 -11.37 17.07
N VAL C 144 -4.05 -12.02 17.88
CA VAL C 144 -4.06 -11.90 19.32
C VAL C 144 -3.74 -13.26 19.93
N CYS C 145 -2.89 -13.26 20.95
CA CYS C 145 -2.59 -14.43 21.78
C CYS C 145 -3.25 -14.28 23.11
N ARG C 146 -3.58 -15.41 23.73
CA ARG C 146 -4.28 -15.43 25.01
C ARG C 146 -3.43 -16.15 26.04
N ILE C 147 -3.26 -15.53 27.20
CA ILE C 147 -2.48 -16.10 28.29
C ILE C 147 -3.45 -16.50 29.39
N ILE C 148 -3.47 -17.78 29.72
CA ILE C 148 -4.28 -18.27 30.81
C ILE C 148 -3.34 -18.66 31.95
N THR C 149 -3.55 -18.06 33.13
CA THR C 149 -2.63 -18.21 34.27
C THR C 149 -3.34 -18.07 35.58
N THR C 150 -2.79 -18.70 36.62
CA THR C 150 -3.29 -18.62 37.97
C THR C 150 -2.37 -17.75 38.84
N ASP C 151 -1.35 -17.17 38.23
CA ASP C 151 -0.43 -16.28 38.90
C ASP C 151 0.24 -15.26 37.97
N PHE C 152 0.87 -14.25 38.56
CA PHE C 152 1.61 -13.26 37.82
C PHE C 152 3.13 -13.39 38.05
N PRO C 153 3.86 -13.94 37.05
CA PRO C 153 5.32 -13.84 37.09
C PRO C 153 5.71 -12.40 36.78
N LEU C 154 6.99 -12.05 36.94
CA LEU C 154 7.41 -10.67 36.66
C LEU C 154 7.11 -10.33 35.18
N TYR C 155 7.52 -11.19 34.25
CA TYR C 155 7.35 -10.93 32.84
C TYR C 155 6.63 -12.10 32.15
N PHE C 156 5.73 -11.74 31.21
CA PHE C 156 5.28 -12.59 30.14
C PHE C 156 5.69 -11.98 28.79
N VAL C 157 5.95 -12.85 27.80
CA VAL C 157 6.19 -12.45 26.43
C VAL C 157 5.88 -13.63 25.50
N ILE C 158 5.37 -13.34 24.31
CA ILE C 158 5.12 -14.38 23.33
C ILE C 158 6.39 -14.61 22.54
N MSE C 159 6.72 -15.88 22.29
CA MSE C 159 7.90 -16.22 21.49
C MSE C 159 7.48 -17.04 20.31
O MSE C 159 6.61 -17.90 20.42
CB MSE C 159 8.91 -17.02 22.32
CG MSE C 159 10.03 -17.63 21.49
SE MSE C 159 11.27 -18.75 22.57
CE MSE C 159 12.69 -17.44 22.79
N SER C 160 8.12 -16.79 19.18
CA SER C 160 7.98 -17.61 17.98
C SER C 160 9.16 -18.56 17.87
N ARG C 161 8.88 -19.82 17.55
CA ARG C 161 9.92 -20.85 17.40
C ARG C 161 9.44 -21.98 16.47
N LEU C 162 10.38 -22.85 16.08
CA LEU C 162 10.02 -24.10 15.39
C LEU C 162 9.18 -24.93 16.33
N CYS C 163 8.14 -25.59 15.82
CA CYS C 163 7.35 -26.49 16.63
C CYS C 163 8.29 -27.49 17.37
N GLN C 164 8.05 -27.66 18.67
CA GLN C 164 8.92 -28.50 19.51
C GLN C 164 8.26 -29.82 19.92
N ASP C 165 7.00 -30.00 19.56
CA ASP C 165 6.29 -31.22 19.95
C ASP C 165 6.89 -32.44 19.27
N TYR C 166 6.90 -33.56 19.97
CA TYR C 166 7.41 -34.80 19.40
C TYR C 166 6.96 -35.95 20.26
N ASP C 167 7.00 -37.15 19.70
CA ASP C 167 6.93 -38.35 20.52
C ASP C 167 8.04 -39.32 20.11
N ILE C 168 8.27 -40.32 20.94
CA ILE C 168 9.33 -41.29 20.73
C ILE C 168 8.68 -42.58 20.28
N ILE C 169 9.08 -43.04 19.10
CA ILE C 169 8.68 -44.32 18.54
C ILE C 169 9.92 -45.14 18.21
N GLY C 170 9.88 -46.43 18.54
CA GLY C 170 10.96 -47.36 18.25
C GLY C 170 10.47 -48.56 17.42
N PRO C 171 11.26 -49.64 17.39
CA PRO C 171 10.91 -50.77 16.54
C PRO C 171 9.61 -51.49 16.98
N GLU C 172 9.18 -51.27 18.23
CA GLU C 172 7.92 -51.81 18.72
C GLU C 172 6.69 -51.19 18.01
N GLY C 173 6.90 -50.07 17.32
CA GLY C 173 5.81 -49.40 16.63
C GLY C 173 5.00 -48.50 17.54
N GLY C 174 3.97 -47.90 16.98
CA GLY C 174 3.16 -46.95 17.74
C GLY C 174 2.40 -46.02 16.84
N SER C 175 1.74 -45.04 17.45
CA SER C 175 1.05 -44.03 16.65
C SER C 175 1.23 -42.61 17.19
N LEU C 176 1.04 -41.66 16.28
CA LEU C 176 1.13 -40.24 16.57
C LEU C 176 -0.21 -39.56 16.24
N LYS C 177 -0.53 -38.54 17.02
CA LYS C 177 -1.66 -37.66 16.76
C LYS C 177 -1.12 -36.26 16.69
N SER C 178 -1.85 -35.35 16.05
CA SER C 178 -1.40 -33.97 15.95
C SER C 178 -1.96 -33.13 17.10
N LYS C 179 -1.25 -32.05 17.40
CA LYS C 179 -1.66 -31.08 18.43
C LYS C 179 -2.96 -30.35 18.07
N LEU C 180 -3.01 -29.81 16.85
CA LEU C 180 -4.09 -28.91 16.45
C LEU C 180 -5.31 -29.61 15.89
N VAL C 181 -5.12 -30.66 15.08
CA VAL C 181 -6.23 -31.34 14.40
C VAL C 181 -6.39 -32.77 14.89
N PRO C 182 -7.36 -33.01 15.79
CA PRO C 182 -7.50 -34.28 16.51
C PRO C 182 -7.56 -35.57 15.66
N LEU C 183 -8.17 -35.53 14.49
CA LEU C 183 -8.36 -36.76 13.72
C LEU C 183 -7.16 -37.13 12.85
N VAL C 184 -6.24 -36.19 12.64
CA VAL C 184 -4.98 -36.51 11.97
C VAL C 184 -4.18 -37.55 12.79
N GLN C 185 -3.79 -38.64 12.15
CA GLN C 185 -3.10 -39.76 12.82
C GLN C 185 -2.12 -40.48 11.89
N ALA C 186 -1.03 -40.98 12.47
CA ALA C 186 -0.05 -41.79 11.75
C ALA C 186 0.21 -43.09 12.50
N THR C 187 0.29 -44.20 11.77
CA THR C 187 0.49 -45.52 12.36
C THR C 187 1.86 -46.07 11.93
N PHE C 188 2.75 -46.26 12.89
CA PHE C 188 4.05 -46.85 12.62
C PHE C 188 4.02 -48.34 12.99
N PRO C 189 4.07 -49.24 11.98
CA PRO C 189 4.08 -50.67 12.32
C PRO C 189 5.44 -51.10 12.85
N GLU C 190 5.51 -52.35 13.33
CA GLU C 190 6.73 -52.86 13.90
C GLU C 190 7.82 -52.80 12.86
N ASN C 191 9.01 -52.42 13.29
CA ASN C 191 10.20 -52.29 12.42
C ASN C 191 10.14 -51.22 11.35
N ALA C 192 9.16 -50.31 11.43
CA ALA C 192 9.19 -49.12 10.58
C ALA C 192 10.47 -48.32 10.85
N VAL C 193 10.89 -48.27 12.10
CA VAL C 193 12.16 -47.66 12.46
C VAL C 193 13.00 -48.70 13.21
N THR C 194 14.31 -48.47 13.25
CA THR C 194 15.28 -49.43 13.83
C THR C 194 15.55 -49.20 15.31
N LYS C 195 15.43 -47.95 15.73
CA LYS C 195 15.73 -47.56 17.10
C LYS C 195 14.71 -46.53 17.56
N ARG C 196 14.67 -46.27 18.86
CA ARG C 196 13.85 -45.21 19.43
C ARG C 196 14.28 -43.88 18.77
N VAL C 197 13.37 -43.20 18.08
CA VAL C 197 13.66 -41.88 17.48
C VAL C 197 12.53 -40.87 17.71
N LYS C 198 12.88 -39.59 17.69
CA LYS C 198 11.90 -38.49 17.79
C LYS C 198 11.21 -38.25 16.45
N LEU C 199 9.89 -38.22 16.49
CA LEU C 199 9.08 -37.94 15.33
C LEU C 199 7.99 -36.94 15.72
N ALA C 200 7.49 -36.21 14.73
CA ALA C 200 6.31 -35.38 14.91
C ALA C 200 5.36 -35.53 13.72
N LEU C 201 4.07 -35.49 14.03
CA LEU C 201 3.04 -35.42 13.02
C LEU C 201 2.43 -34.04 13.17
N GLN C 202 2.70 -33.16 12.21
CA GLN C 202 2.22 -31.78 12.25
C GLN C 202 1.01 -31.63 11.31
N ALA C 203 -0.07 -31.05 11.82
CA ALA C 203 -1.26 -30.76 11.02
C ALA C 203 -1.51 -29.26 11.04
N GLN C 204 -1.56 -28.66 9.86
CA GLN C 204 -1.88 -27.25 9.74
C GLN C 204 -3.26 -27.04 9.11
N PRO C 205 -4.22 -26.52 9.87
CA PRO C 205 -5.53 -26.24 9.27
C PRO C 205 -5.45 -25.17 8.19
N VAL C 206 -6.42 -25.23 7.28
CA VAL C 206 -6.56 -24.30 6.19
C VAL C 206 -7.95 -23.66 6.24
N PRO C 207 -8.03 -22.38 6.60
CA PRO C 207 -9.34 -21.70 6.80
C PRO C 207 -10.18 -21.57 5.53
N ASP C 208 -11.48 -21.84 5.67
CA ASP C 208 -12.43 -21.73 4.54
C ASP C 208 -12.34 -20.35 3.89
N GLU C 209 -12.37 -19.32 4.73
CA GLU C 209 -12.31 -17.93 4.26
C GLU C 209 -11.17 -17.65 3.29
N LEU C 210 -9.98 -18.18 3.60
CA LEU C 210 -8.79 -17.87 2.80
C LEU C 210 -8.76 -18.64 1.50
N VAL C 211 -9.38 -19.82 1.48
CA VAL C 211 -9.54 -20.56 0.23
C VAL C 211 -10.49 -19.78 -0.69
N THR C 212 -11.58 -19.28 -0.10
CA THR C 212 -12.58 -18.51 -0.84
C THR C 212 -11.93 -17.26 -1.46
N LYS C 213 -11.34 -16.41 -0.63
CA LYS C 213 -10.59 -15.25 -1.13
C LYS C 213 -9.80 -15.60 -2.38
N LEU C 214 -8.83 -16.51 -2.23
CA LEU C 214 -7.77 -16.68 -3.23
C LEU C 214 -8.12 -17.55 -4.44
N LEU C 215 -8.92 -18.59 -4.22
CA LEU C 215 -9.27 -19.54 -5.29
C LEU C 215 -10.74 -19.51 -5.68
N GLY C 216 -11.60 -18.94 -4.82
CA GLY C 216 -13.05 -18.94 -5.04
C GLY C 216 -13.64 -20.29 -4.70
N ASN C 217 -14.60 -20.74 -5.52
CA ASN C 217 -14.91 -22.16 -5.64
C ASN C 217 -13.73 -22.79 -6.39
N GLN C 218 -13.92 -23.96 -6.98
CA GLN C 218 -12.86 -24.64 -7.74
C GLN C 218 -12.02 -25.60 -6.87
N ALA C 219 -11.91 -25.35 -5.56
CA ALA C 219 -11.20 -26.29 -4.68
C ALA C 219 -11.43 -26.08 -3.18
N THR C 220 -11.52 -27.20 -2.45
CA THR C 220 -11.47 -27.16 -0.99
C THR C 220 -10.27 -28.01 -0.58
N PHE C 221 -9.93 -28.02 0.71
CA PHE C 221 -8.71 -28.67 1.16
C PHE C 221 -8.77 -29.29 2.55
N SER C 222 -8.08 -30.42 2.72
CA SER C 222 -7.82 -30.97 4.04
C SER C 222 -6.85 -30.05 4.73
N PRO C 223 -6.56 -30.29 6.00
CA PRO C 223 -5.33 -29.68 6.56
C PRO C 223 -4.07 -30.21 5.87
N ILE C 224 -2.94 -29.51 6.02
CA ILE C 224 -1.66 -29.98 5.49
C ILE C 224 -1.01 -30.82 6.57
N VAL C 225 -0.65 -32.06 6.24
CA VAL C 225 -0.09 -32.99 7.23
C VAL C 225 1.35 -33.29 6.89
N THR C 226 2.24 -32.98 7.82
CA THR C 226 3.69 -33.24 7.65
C THR C 226 4.21 -34.23 8.69
N VAL C 227 4.85 -35.28 8.19
CA VAL C 227 5.59 -36.19 9.02
C VAL C 227 7.00 -35.61 9.18
N GLU C 228 7.39 -35.32 10.41
CA GLU C 228 8.71 -34.77 10.70
C GLU C 228 9.57 -35.73 11.52
N PRO C 229 10.89 -35.68 11.32
CA PRO C 229 11.56 -34.87 10.32
C PRO C 229 11.43 -35.41 8.88
N ARG C 230 11.63 -34.51 7.93
CA ARG C 230 11.53 -34.81 6.51
C ARG C 230 12.84 -35.40 6.03
N ARG C 231 12.85 -35.93 4.81
CA ARG C 231 14.01 -36.65 4.29
C ARG C 231 14.40 -37.85 5.14
N ARG C 232 13.42 -38.66 5.57
CA ARG C 232 13.68 -39.98 6.17
C ARG C 232 12.92 -41.06 5.41
N LYS C 233 13.50 -42.26 5.34
CA LYS C 233 12.82 -43.42 4.79
C LYS C 233 12.44 -44.35 5.93
N PHE C 234 11.27 -44.94 5.83
CA PHE C 234 10.91 -45.96 6.77
C PHE C 234 11.11 -47.34 6.13
N HIS C 235 11.22 -48.38 6.94
CA HIS C 235 11.49 -49.74 6.44
C HIS C 235 10.24 -50.53 6.30
N ARG C 236 9.13 -49.97 6.80
CA ARG C 236 7.81 -50.49 6.53
C ARG C 236 6.89 -49.33 6.18
N PRO C 237 5.81 -49.60 5.44
CA PRO C 237 4.80 -48.61 5.16
C PRO C 237 4.25 -47.97 6.44
N ILE C 238 4.18 -46.63 6.44
CA ILE C 238 3.56 -45.86 7.54
C ILE C 238 2.12 -45.51 7.15
N GLY C 239 1.16 -45.78 8.03
CA GLY C 239 -0.25 -45.46 7.78
C GLY C 239 -0.56 -44.03 8.15
N LEU C 240 -1.28 -43.33 7.29
CA LEU C 240 -1.66 -41.95 7.54
C LEU C 240 -3.15 -41.83 7.41
N ARG C 241 -3.76 -41.02 8.29
CA ARG C 241 -5.17 -40.68 8.22
C ARG C 241 -5.29 -39.17 8.24
N ILE C 242 -5.98 -38.62 7.24
CA ILE C 242 -6.13 -37.19 7.05
C ILE C 242 -7.61 -36.92 6.81
N PRO C 243 -8.21 -36.01 7.60
CA PRO C 243 -9.60 -35.63 7.38
C PRO C 243 -9.84 -35.19 5.95
N LEU C 244 -10.95 -35.61 5.37
CA LEU C 244 -11.28 -35.26 3.98
C LEU C 244 -11.56 -33.77 3.86
N PRO C 245 -11.35 -33.20 2.66
CA PRO C 245 -11.81 -31.83 2.46
C PRO C 245 -13.34 -31.74 2.68
N PRO C 246 -13.81 -30.63 3.25
CA PRO C 246 -15.24 -30.53 3.56
C PRO C 246 -16.20 -31.04 2.46
N SER C 247 -16.03 -30.56 1.23
CA SER C 247 -16.98 -30.87 0.16
C SER C 247 -17.03 -32.37 -0.16
N TRP C 248 -15.94 -33.08 0.14
CA TRP C 248 -15.91 -34.51 -0.08
C TRP C 248 -16.64 -35.27 1.01
N THR C 249 -16.52 -34.81 2.24
CA THR C 249 -17.22 -35.46 3.34
C THR C 249 -18.74 -35.28 3.23
N ASP C 250 -19.19 -34.11 2.80
CA ASP C 250 -20.64 -33.85 2.60
C ASP C 250 -21.25 -34.67 1.46
N ASN C 251 -20.57 -34.71 0.31
CA ASN C 251 -21.06 -35.43 -0.87
C ASN C 251 -19.92 -35.56 -1.91
N PRO C 252 -19.29 -36.73 -2.02
CA PRO C 252 -18.18 -36.88 -2.97
C PRO C 252 -18.65 -36.81 -4.42
N ARG C 253 -17.90 -36.17 -5.31
CA ARG C 253 -18.27 -36.08 -6.75
C ARG C 253 -18.25 -37.45 -7.41
N ASP C 254 -17.25 -38.24 -7.06
CA ASP C 254 -17.03 -39.54 -7.67
C ASP C 254 -16.52 -40.55 -6.61
N SER C 255 -16.18 -41.74 -7.07
CA SER C 255 -15.70 -42.83 -6.20
C SER C 255 -14.41 -42.50 -5.45
N GLY C 256 -13.60 -41.60 -6.00
CA GLY C 256 -12.32 -41.26 -5.41
C GLY C 256 -11.26 -42.34 -5.59
N GLU C 257 -11.30 -43.01 -6.74
CA GLU C 257 -10.37 -44.10 -7.01
C GLU C 257 -9.58 -43.88 -8.29
N GLY C 258 -8.33 -44.33 -8.28
CA GLY C 258 -7.45 -44.22 -9.45
C GLY C 258 -7.00 -42.79 -9.73
N ASP C 259 -7.13 -42.38 -11.00
CA ASP C 259 -6.49 -41.16 -11.51
C ASP C 259 -7.43 -40.01 -11.73
N THR C 260 -8.54 -40.26 -12.41
CA THR C 260 -9.41 -39.17 -12.88
C THR C 260 -10.22 -38.53 -11.77
N THR C 261 -10.25 -39.15 -10.59
CA THR C 261 -10.98 -38.61 -9.45
C THR C 261 -10.63 -37.16 -9.16
N SER C 262 -11.63 -36.41 -8.74
CA SER C 262 -11.46 -35.01 -8.36
C SER C 262 -10.77 -34.82 -6.99
N LEU C 263 -10.67 -35.89 -6.20
CA LEU C 263 -9.95 -35.82 -4.92
C LEU C 263 -8.47 -36.10 -5.16
N ARG C 264 -7.65 -35.06 -5.14
CA ARG C 264 -6.21 -35.17 -5.43
C ARG C 264 -5.37 -35.26 -4.16
N LEU C 265 -4.42 -36.19 -4.13
CA LEU C 265 -3.43 -36.28 -3.05
C LEU C 265 -2.13 -35.64 -3.51
N LEU C 266 -1.76 -34.54 -2.87
CA LEU C 266 -0.55 -33.81 -3.16
C LEU C 266 0.53 -34.15 -2.12
N CYS C 267 1.78 -34.17 -2.56
CA CYS C 267 2.91 -34.54 -1.72
C CYS C 267 4.08 -33.61 -1.96
N SER C 268 4.72 -33.17 -0.87
CA SER C 268 5.97 -32.44 -0.97
C SER C 268 7.01 -33.09 -0.05
N VAL C 269 8.14 -33.47 -0.65
CA VAL C 269 9.23 -34.12 0.06
C VAL C 269 10.34 -33.16 0.50
N ILE C 270 10.43 -31.94 -0.04
CA ILE C 270 11.62 -31.12 0.25
C ILE C 270 11.71 -30.69 1.71
N GLY C 271 12.93 -30.53 2.19
CA GLY C 271 13.17 -30.06 3.54
C GLY C 271 12.96 -28.55 3.58
N GLY C 272 13.00 -27.98 4.79
CA GLY C 272 13.06 -26.52 4.96
C GLY C 272 11.87 -25.92 5.68
N THR C 273 12.12 -24.90 6.51
CA THR C 273 11.08 -24.33 7.37
C THR C 273 10.07 -23.53 6.51
N ASP C 274 8.83 -24.00 6.53
CA ASP C 274 7.75 -23.54 5.64
C ASP C 274 8.09 -23.53 4.14
N GLN C 275 8.86 -24.53 3.69
CA GLN C 275 9.11 -24.78 2.27
C GLN C 275 8.27 -25.97 1.78
N ALA C 276 7.69 -25.82 0.60
CA ALA C 276 6.98 -26.92 -0.05
C ALA C 276 7.14 -26.80 -1.54
N GLN C 277 7.20 -27.95 -2.21
CA GLN C 277 7.20 -28.00 -3.65
C GLN C 277 6.30 -29.17 -4.02
N TRP C 278 5.05 -28.85 -4.35
CA TRP C 278 3.99 -29.85 -4.45
C TRP C 278 4.01 -30.68 -5.69
N GLU C 279 3.49 -31.90 -5.56
CA GLU C 279 3.41 -32.86 -6.66
C GLU C 279 2.16 -33.70 -6.48
N ASP C 280 1.45 -33.95 -7.58
CA ASP C 280 0.26 -34.78 -7.54
C ASP C 280 0.64 -36.25 -7.61
N ILE C 281 0.33 -37.00 -6.55
CA ILE C 281 0.64 -38.42 -6.52
C ILE C 281 -0.62 -39.30 -6.59
N THR C 282 -1.71 -38.72 -7.12
CA THR C 282 -2.95 -39.45 -7.29
C THR C 282 -2.81 -40.38 -8.49
N THR C 284 -0.85 -43.01 -7.20
CA THR C 284 0.35 -43.79 -6.97
C THR C 284 0.22 -44.70 -5.74
N THR C 285 -0.81 -44.46 -4.92
CA THR C 285 -1.11 -45.27 -3.72
C THR C 285 -2.63 -45.40 -3.56
N LYS C 286 -3.06 -46.32 -2.70
CA LYS C 286 -4.50 -46.56 -2.50
C LYS C 286 -5.08 -45.83 -1.28
N LEU C 287 -6.16 -45.10 -1.51
CA LEU C 287 -6.86 -44.40 -0.43
C LEU C 287 -8.06 -45.21 0.02
N VAL C 288 -8.14 -45.53 1.30
CA VAL C 288 -9.34 -46.12 1.88
C VAL C 288 -10.09 -45.05 2.67
N TYR C 289 -11.31 -44.76 2.23
CA TYR C 289 -12.13 -43.75 2.87
C TYR C 289 -12.94 -44.38 3.99
N ALA C 290 -12.74 -43.89 5.20
CA ALA C 290 -13.49 -44.35 6.35
C ALA C 290 -13.72 -43.19 7.29
N ASN C 291 -14.90 -43.20 7.90
CA ASN C 291 -15.50 -42.04 8.53
C ASN C 291 -14.54 -41.18 9.32
N GLU C 292 -14.25 -39.94 8.92
CA GLU C 292 -14.63 -39.29 7.64
C GLU C 292 -13.29 -38.79 7.05
N CYS C 293 -12.37 -39.72 6.86
CA CYS C 293 -10.97 -39.42 6.57
C CYS C 293 -10.49 -40.20 5.35
N ALA C 294 -9.34 -39.81 4.81
CA ALA C 294 -8.60 -40.61 3.84
C ALA C 294 -7.52 -41.37 4.60
N ASN C 295 -7.34 -42.65 4.30
CA ASN C 295 -6.30 -43.48 4.92
C ASN C 295 -5.41 -44.05 3.84
N PHE C 296 -4.09 -43.89 3.98
CA PHE C 296 -3.12 -44.38 2.99
C PHE C 296 -1.77 -44.55 3.66
N THR C 297 -0.78 -45.02 2.88
CA THR C 297 0.54 -45.29 3.41
C THR C 297 1.61 -44.57 2.61
N THR C 298 2.77 -44.41 3.24
CA THR C 298 3.95 -43.81 2.65
C THR C 298 5.19 -44.47 3.24
N ASN C 299 6.27 -44.52 2.48
CA ASN C 299 7.54 -45.11 2.94
C ASN C 299 8.56 -44.04 3.25
N VAL C 300 8.19 -42.79 3.04
CA VAL C 300 9.05 -41.65 3.29
C VAL C 300 8.28 -40.62 4.12
N SER C 301 9.01 -39.79 4.86
CA SER C 301 8.40 -38.64 5.51
C SER C 301 8.28 -37.50 4.50
N ALA C 302 7.28 -36.65 4.68
CA ALA C 302 6.91 -35.63 3.70
C ALA C 302 5.70 -34.85 4.19
N ARG C 303 5.28 -33.87 3.41
CA ARG C 303 4.02 -33.18 3.60
C ARG C 303 2.99 -33.85 2.72
N PHE C 304 1.76 -33.92 3.20
CA PHE C 304 0.65 -34.41 2.42
C PHE C 304 -0.53 -33.44 2.51
N TRP C 305 -1.34 -33.42 1.46
CA TRP C 305 -2.26 -32.32 1.20
C TRP C 305 -3.35 -32.86 0.32
N LEU C 306 -4.59 -32.95 0.79
CA LEU C 306 -5.72 -33.35 -0.07
C LEU C 306 -6.46 -32.13 -0.58
N SER C 307 -6.93 -32.23 -1.82
CA SER C 307 -7.73 -31.18 -2.45
C SER C 307 -8.83 -31.79 -3.32
N ASP C 308 -10.06 -31.39 -3.06
CA ASP C 308 -11.18 -31.71 -3.93
C ASP C 308 -11.14 -30.64 -5.03
N CYS C 309 -10.75 -31.07 -6.23
CA CYS C 309 -10.36 -30.13 -7.29
C CYS C 309 -10.80 -30.62 -8.68
N PRO C 310 -12.04 -30.27 -9.09
CA PRO C 310 -12.63 -30.68 -10.36
C PRO C 310 -11.70 -30.58 -11.56
N ARG C 311 -11.03 -29.45 -11.69
CA ARG C 311 -10.05 -29.23 -12.75
C ARG C 311 -8.72 -29.85 -12.31
N THR C 312 -8.64 -31.16 -12.45
CA THR C 312 -7.55 -31.93 -11.82
C THR C 312 -6.15 -31.50 -12.27
N ALA C 313 -6.05 -30.93 -13.48
CA ALA C 313 -4.77 -30.45 -14.00
C ALA C 313 -4.21 -29.21 -13.26
N GLU C 314 -5.07 -28.41 -12.62
CA GLU C 314 -4.60 -27.18 -11.96
C GLU C 314 -4.38 -27.34 -10.44
N ALA C 315 -4.55 -28.55 -9.91
CA ALA C 315 -4.45 -28.76 -8.46
C ALA C 315 -3.10 -28.31 -7.87
N VAL C 316 -2.00 -28.67 -8.53
CA VAL C 316 -0.68 -28.23 -8.08
C VAL C 316 -0.57 -26.70 -8.09
N ASN C 317 -1.00 -26.06 -9.17
CA ASN C 317 -0.96 -24.60 -9.27
C ASN C 317 -1.73 -23.94 -8.14
N PHE C 318 -2.89 -24.48 -7.83
CA PHE C 318 -3.72 -23.93 -6.74
C PHE C 318 -3.09 -24.12 -5.36
N ALA C 319 -2.52 -25.30 -5.10
CA ALA C 319 -1.89 -25.58 -3.79
C ALA C 319 -0.72 -24.62 -3.54
N THR C 320 0.12 -24.44 -4.56
CA THR C 320 1.28 -23.54 -4.48
C THR C 320 0.89 -22.11 -4.13
N LEU C 321 -0.16 -21.61 -4.81
CA LEU C 321 -0.69 -20.26 -4.59
C LEU C 321 -1.25 -20.10 -3.18
N LEU C 322 -2.03 -21.07 -2.73
CA LEU C 322 -2.56 -21.08 -1.35
C LEU C 322 -1.46 -21.21 -0.27
N TYR C 323 -0.46 -22.03 -0.55
CA TYR C 323 0.58 -22.32 0.46
C TYR C 323 1.28 -21.03 0.91
N LYS C 324 1.63 -20.16 -0.04
CA LYS C 324 2.37 -18.92 0.29
C LYS C 324 1.68 -18.05 1.34
N GLU C 325 0.35 -18.06 1.36
CA GLU C 325 -0.41 -17.20 2.26
C GLU C 325 -0.83 -17.86 3.57
N LEU C 326 -0.59 -19.17 3.72
CA LEU C 326 -0.92 -19.86 4.95
C LEU C 326 0.01 -19.44 6.08
NA NA D . 3.58 12.48 16.52
C1 EOH E . 6.29 7.33 8.72
C2 EOH E . 4.84 6.95 9.03
O EOH E . 6.50 8.68 9.18
C1 EOH F . 13.04 19.45 23.19
C2 EOH F . 13.08 17.93 23.08
O EOH F . 11.73 19.91 23.60
C1 EOH G . 19.16 8.66 16.66
C2 EOH G . 19.59 9.10 15.27
O EOH G . 19.06 7.22 16.66
NA NA H . 7.42 5.27 -43.92
NA NA I . 1.25 5.90 -37.72
NA NA J . 4.26 13.87 -35.89
NA NA K . -11.23 -8.72 -36.50
NA NA L . 1.65 15.70 -31.57
NA NA M . -2.19 7.31 -57.63
NA NA N . 3.67 9.67 -39.62
NA NA O . 1.51 11.45 -31.37
NA NA P . 1.38 8.37 -38.85
CL CL Q . -9.19 7.71 -38.29
NA NA R . 2.08 11.99 -39.63
NA NA S . 3.19 13.24 -48.44
NA NA T . -7.86 -7.42 -50.98
NA NA U . 0.92 18.07 -32.64
NA NA V . -11.95 4.28 -38.84
NA NA W . 13.39 14.37 -20.83
NA NA X . 10.13 -0.54 -42.99
C1 EOH Y . 11.37 3.61 -28.99
C2 EOH Y . 12.81 4.02 -28.77
O EOH Y . 11.27 2.49 -29.91
C1 EOH Z . -10.39 5.69 -35.61
C2 EOH Z . -9.01 6.26 -35.80
O EOH Z . -10.50 4.37 -36.18
C1 EOH AA . 12.01 -32.18 15.64
C2 EOH AA . 12.60 -31.60 16.92
O EOH AA . 11.39 -33.47 15.84
C1 EOH BA . 14.05 -20.33 26.07
C2 EOH BA . 15.27 -20.32 25.18
O EOH BA . 13.11 -21.31 25.60
#